data_4MEB
#
_entry.id   4MEB
#
_cell.length_a   86.109
_cell.length_b   42.511
_cell.length_c   86.907
_cell.angle_alpha   90.00
_cell.angle_beta   98.38
_cell.angle_gamma   90.00
#
_symmetry.space_group_name_H-M   'P 1 21 1'
#
loop_
_entity.id
_entity.type
_entity.pdbx_description
1 polymer 'Predicted protein'
2 non-polymer 'PHOSPHATE ION'
3 non-polymer GLYCEROL
4 water water
#
_entity_poly.entity_id   1
_entity_poly.type   'polypeptide(L)'
_entity_poly.pdbx_seq_one_letter_code
;EYDPNLKSIDTPPAVSQQMFNKVKSNGLGQYAYAKGLSSKFIESEGVKLHYVEGGSKGTPIVFIHGFGSTWKMWEPVMLS
YMKDHKVIAIDLPGLGQSGPILNDDYSAENTSKILIGAIKKIAGKGPIYYVSHSLGNTASYPLVANNQGYIKKAVFMDSP
IPDRAMFEYPGYTADGPGLGWHFGYFSFGDIAEKQIANDPNLFFSYFIKTYAGKKEIFTPELLAELIEPYSTRDKLKAAF
GYYRSHADSIRQNEALLANGKKLTIPSMALTGQKGVNDVLVKEMRARFVADPAQYTAIILPDTGHWMVEENAEGVEKSLS
NFLFKHHHHHH
;
_entity_poly.pdbx_strand_id   A,B
#
loop_
_chem_comp.id
_chem_comp.type
_chem_comp.name
_chem_comp.formula
GOL non-polymer GLYCEROL 'C3 H8 O3'
PO4 non-polymer 'PHOSPHATE ION' 'O4 P -3'
#
# COMPACT_ATOMS: atom_id res chain seq x y z
N GLU A 1 -8.77 -11.22 2.75
CA GLU A 1 -10.09 -10.62 2.95
C GLU A 1 -10.06 -9.60 4.08
N TYR A 2 -10.21 -8.32 3.73
CA TYR A 2 -10.21 -7.23 4.70
C TYR A 2 -11.39 -7.31 5.67
N ASP A 3 -11.15 -6.95 6.93
CA ASP A 3 -12.21 -7.00 7.95
C ASP A 3 -12.45 -5.62 8.56
N PRO A 4 -13.51 -4.94 8.10
CA PRO A 4 -13.79 -3.57 8.56
C PRO A 4 -14.11 -3.50 10.05
N ASN A 5 -14.43 -4.65 10.66
CA ASN A 5 -14.82 -4.70 12.06
C ASN A 5 -13.67 -5.01 13.00
N LEU A 6 -12.55 -5.47 12.45
CA LEU A 6 -11.38 -5.79 13.25
C LEU A 6 -10.76 -4.53 13.84
N LYS A 7 -10.50 -4.55 15.14
CA LYS A 7 -9.89 -3.42 15.82
C LYS A 7 -8.40 -3.63 15.99
N SER A 8 -7.63 -2.54 15.94
CA SER A 8 -6.20 -2.64 16.24
C SER A 8 -6.03 -2.63 17.74
N ILE A 9 -4.88 -3.10 18.22
CA ILE A 9 -4.64 -3.12 19.66
C ILE A 9 -4.27 -1.73 20.16
N ASP A 10 -4.28 -1.55 21.48
CA ASP A 10 -3.82 -0.29 22.09
CA ASP A 10 -3.81 -0.29 22.07
C ASP A 10 -2.70 -0.55 23.10
N THR A 11 -2.07 -1.71 23.00
CA THR A 11 -0.96 -2.06 23.87
C THR A 11 0.19 -1.08 23.71
N PRO A 12 0.71 -0.54 24.81
CA PRO A 12 1.89 0.32 24.69
C PRO A 12 3.08 -0.47 24.10
N PRO A 13 3.82 0.16 23.18
CA PRO A 13 5.00 -0.47 22.57
C PRO A 13 6.01 -0.98 23.59
N ALA A 14 6.14 -0.34 24.75
CA ALA A 14 7.04 -0.84 25.80
C ALA A 14 6.57 -2.17 26.36
N VAL A 15 5.26 -2.28 26.57
CA VAL A 15 4.68 -3.53 27.05
C VAL A 15 4.90 -4.63 26.02
N SER A 16 4.75 -4.31 24.73
CA SER A 16 4.96 -5.31 23.69
C SER A 16 6.42 -5.75 23.68
N GLN A 17 7.34 -4.83 23.94
CA GLN A 17 8.76 -5.16 23.94
C GLN A 17 9.06 -6.10 25.09
N GLN A 18 8.40 -5.92 26.24
CA GLN A 18 8.50 -6.85 27.35
C GLN A 18 8.10 -8.25 26.91
N MET A 19 7.04 -8.34 26.10
CA MET A 19 6.59 -9.62 25.58
C MET A 19 7.61 -10.24 24.62
N PHE A 20 8.17 -9.42 23.72
CA PHE A 20 9.18 -9.94 22.79
C PHE A 20 10.41 -10.43 23.54
N ASN A 21 10.81 -9.68 24.56
CA ASN A 21 11.96 -10.07 25.39
C ASN A 21 11.73 -11.38 26.14
N LYS A 22 10.51 -11.55 26.67
CA LYS A 22 10.15 -12.78 27.35
C LYS A 22 10.26 -13.96 26.39
N VAL A 23 9.83 -13.75 25.15
CA VAL A 23 9.92 -14.80 24.14
C VAL A 23 11.37 -15.23 23.91
N LYS A 24 12.24 -14.26 23.66
CA LYS A 24 13.64 -14.57 23.39
C LYS A 24 14.36 -15.11 24.61
N SER A 25 14.08 -14.52 25.78
CA SER A 25 14.79 -14.92 26.99
C SER A 25 14.44 -16.34 27.44
N ASN A 26 13.21 -16.77 27.16
CA ASN A 26 12.79 -18.11 27.57
C ASN A 26 12.88 -19.15 26.45
N GLY A 27 13.53 -18.79 25.34
CA GLY A 27 13.68 -19.70 24.22
C GLY A 27 12.35 -20.17 23.65
N LEU A 28 11.38 -19.26 23.57
CA LEU A 28 10.08 -19.60 23.00
C LEU A 28 10.04 -19.25 21.51
N GLY A 29 8.93 -19.52 20.85
CA GLY A 29 8.74 -19.09 19.47
C GLY A 29 9.75 -19.67 18.50
N GLN A 30 10.41 -18.81 17.72
CA GLN A 30 11.36 -19.27 16.72
C GLN A 30 12.57 -19.96 17.36
N TYR A 31 12.76 -19.75 18.66
CA TYR A 31 13.87 -20.35 19.38
C TYR A 31 13.50 -21.68 20.03
N ALA A 32 12.23 -22.06 19.97
CA ALA A 32 11.80 -23.34 20.58
C ALA A 32 11.81 -24.49 19.57
N TYR A 33 12.63 -25.49 19.85
CA TYR A 33 12.78 -26.63 18.94
C TYR A 33 12.29 -27.89 19.63
N ALA A 34 11.21 -28.47 19.11
CA ALA A 34 10.62 -29.65 19.73
C ALA A 34 11.58 -30.85 19.71
N LYS A 35 11.34 -31.80 20.61
CA LYS A 35 12.14 -33.01 20.71
C LYS A 35 12.30 -33.69 19.35
N GLY A 36 13.53 -34.05 19.02
CA GLY A 36 13.84 -34.70 17.77
C GLY A 36 14.34 -33.73 16.71
N LEU A 37 14.10 -32.45 16.94
CA LEU A 37 14.52 -31.42 15.98
C LEU A 37 15.81 -30.79 16.46
N SER A 38 16.63 -30.36 15.49
CA SER A 38 17.94 -29.82 15.77
C SER A 38 18.14 -28.49 15.06
N SER A 39 18.57 -27.48 15.80
CA SER A 39 18.78 -26.13 15.27
C SER A 39 20.24 -25.96 14.86
N LYS A 40 20.47 -25.47 13.65
CA LYS A 40 21.83 -25.36 13.10
C LYS A 40 22.00 -24.13 12.22
N PHE A 41 23.26 -23.83 11.88
CA PHE A 41 23.57 -22.73 11.00
C PHE A 41 24.54 -23.22 9.92
N ILE A 42 24.42 -22.64 8.74
CA ILE A 42 25.31 -22.98 7.65
C ILE A 42 25.57 -21.72 6.82
N GLU A 43 26.80 -21.57 6.36
CA GLU A 43 27.16 -20.46 5.52
C GLU A 43 26.87 -20.80 4.05
N SER A 44 26.21 -19.89 3.34
CA SER A 44 26.03 -20.04 1.90
C SER A 44 26.16 -18.70 1.18
N GLU A 45 27.14 -18.63 0.28
CA GLU A 45 27.44 -17.44 -0.49
C GLU A 45 27.65 -16.24 0.43
N GLY A 46 28.30 -16.47 1.57
CA GLY A 46 28.61 -15.40 2.50
C GLY A 46 27.46 -15.03 3.43
N VAL A 47 26.36 -15.76 3.34
CA VAL A 47 25.18 -15.49 4.16
C VAL A 47 24.98 -16.61 5.16
N LYS A 48 24.88 -16.26 6.43
CA LYS A 48 24.71 -17.28 7.46
C LYS A 48 23.23 -17.62 7.61
N LEU A 49 22.87 -18.85 7.20
CA LEU A 49 21.48 -19.30 7.26
C LEU A 49 21.21 -20.12 8.52
N HIS A 50 20.07 -19.86 9.15
CA HIS A 50 19.58 -20.72 10.23
C HIS A 50 18.64 -21.76 9.65
N TYR A 51 18.72 -22.98 10.16
CA TYR A 51 17.79 -24.01 9.74
C TYR A 51 17.54 -24.99 10.88
N VAL A 52 16.46 -25.75 10.77
CA VAL A 52 16.13 -26.76 11.77
C VAL A 52 15.88 -28.06 11.02
N GLU A 53 16.41 -29.16 11.54
CA GLU A 53 16.25 -30.44 10.88
C GLU A 53 15.84 -31.57 11.83
N GLY A 54 15.15 -32.56 11.27
CA GLY A 54 14.75 -33.75 12.00
C GLY A 54 14.79 -34.96 11.09
N GLY A 55 14.65 -36.14 11.69
CA GLY A 55 14.62 -37.38 10.92
C GLY A 55 15.96 -37.74 10.31
N SER A 56 15.98 -38.83 9.55
N SER A 56 15.98 -38.83 9.55
CA SER A 56 17.21 -39.31 8.95
CA SER A 56 17.21 -39.32 8.97
C SER A 56 16.93 -39.95 7.59
C SER A 56 16.97 -39.97 7.61
N LYS A 57 16.32 -41.13 7.62
CA LYS A 57 16.00 -41.86 6.40
C LYS A 57 14.81 -41.25 5.68
N GLY A 58 14.66 -41.61 4.40
CA GLY A 58 13.52 -41.17 3.62
C GLY A 58 13.83 -39.95 2.77
N THR A 59 13.15 -39.83 1.64
CA THR A 59 13.30 -38.65 0.77
C THR A 59 13.20 -37.37 1.58
N PRO A 60 14.22 -36.51 1.51
CA PRO A 60 14.22 -35.28 2.31
C PRO A 60 13.15 -34.30 1.83
N ILE A 61 12.60 -33.53 2.75
CA ILE A 61 11.64 -32.48 2.41
C ILE A 61 12.15 -31.15 2.95
N VAL A 62 12.32 -30.19 2.06
CA VAL A 62 12.78 -28.85 2.43
C VAL A 62 11.59 -27.89 2.48
N PHE A 63 11.45 -27.19 3.60
CA PHE A 63 10.34 -26.26 3.83
C PHE A 63 10.85 -24.84 3.89
N ILE A 64 10.27 -23.97 3.06
CA ILE A 64 10.68 -22.57 3.03
C ILE A 64 9.50 -21.64 3.40
N HIS A 65 9.62 -20.96 4.55
CA HIS A 65 8.58 -20.09 5.08
C HIS A 65 8.56 -18.76 4.32
N GLY A 66 7.67 -17.85 4.73
CA GLY A 66 7.59 -16.54 4.13
C GLY A 66 7.39 -15.40 5.12
N PHE A 67 6.73 -14.33 4.67
CA PHE A 67 6.56 -13.12 5.47
C PHE A 67 5.67 -13.32 6.70
N GLY A 68 6.17 -12.89 7.87
CA GLY A 68 5.43 -13.08 9.12
C GLY A 68 5.71 -14.42 9.78
N SER A 69 6.61 -15.21 9.20
CA SER A 69 6.90 -16.54 9.71
C SER A 69 8.39 -16.74 9.81
N THR A 70 8.80 -17.87 10.39
CA THR A 70 10.17 -18.37 10.31
C THR A 70 10.08 -19.87 10.03
N TRP A 71 11.19 -20.60 10.15
CA TRP A 71 11.16 -22.06 10.07
C TRP A 71 10.01 -22.61 10.94
N LYS A 72 9.71 -21.90 12.02
CA LYS A 72 8.78 -22.34 13.05
C LYS A 72 7.42 -22.70 12.50
N MET A 73 7.02 -22.05 11.41
CA MET A 73 5.69 -22.32 10.86
C MET A 73 5.51 -23.77 10.46
N TRP A 74 6.61 -24.47 10.19
CA TRP A 74 6.55 -25.82 9.66
C TRP A 74 6.64 -26.88 10.74
N GLU A 75 6.94 -26.46 11.96
CA GLU A 75 7.23 -27.42 13.04
C GLU A 75 6.24 -28.59 13.16
N PRO A 76 4.92 -28.31 13.23
CA PRO A 76 3.96 -29.41 13.36
C PRO A 76 4.05 -30.41 12.20
N VAL A 77 4.24 -29.90 11.00
CA VAL A 77 4.40 -30.76 9.83
C VAL A 77 5.70 -31.56 9.92
N MET A 78 6.75 -30.90 10.36
CA MET A 78 8.05 -31.56 10.52
C MET A 78 7.94 -32.72 11.52
N LEU A 79 7.27 -32.48 12.64
CA LEU A 79 7.08 -33.52 13.63
C LEU A 79 6.26 -34.68 13.06
N SER A 80 5.26 -34.38 12.23
CA SER A 80 4.44 -35.41 11.62
C SER A 80 5.24 -36.33 10.71
N TYR A 81 6.25 -35.77 10.02
CA TYR A 81 6.93 -36.51 8.96
C TYR A 81 8.27 -37.12 9.35
N MET A 82 8.85 -36.70 10.46
CA MET A 82 10.25 -37.01 10.72
C MET A 82 10.56 -38.49 10.95
N LYS A 83 9.58 -39.26 11.39
CA LYS A 83 9.80 -40.69 11.56
C LYS A 83 10.08 -41.38 10.22
N ASP A 84 9.55 -40.80 9.14
CA ASP A 84 9.65 -41.40 7.81
C ASP A 84 10.46 -40.55 6.83
N HIS A 85 10.71 -39.29 7.18
CA HIS A 85 11.45 -38.41 6.27
C HIS A 85 12.44 -37.52 6.97
N LYS A 86 13.56 -37.26 6.29
CA LYS A 86 14.44 -36.16 6.66
C LYS A 86 13.65 -34.87 6.40
N VAL A 87 13.52 -34.01 7.41
CA VAL A 87 12.77 -32.77 7.26
C VAL A 87 13.67 -31.58 7.59
N ILE A 88 13.63 -30.56 6.73
CA ILE A 88 14.56 -29.44 6.82
C ILE A 88 13.81 -28.14 6.61
N ALA A 89 13.83 -27.26 7.61
CA ALA A 89 13.20 -25.96 7.46
C ALA A 89 14.24 -24.84 7.60
N ILE A 90 14.36 -24.01 6.58
CA ILE A 90 15.37 -22.97 6.53
C ILE A 90 14.76 -21.57 6.69
N ASP A 91 15.38 -20.75 7.52
CA ASP A 91 15.00 -19.35 7.63
C ASP A 91 15.49 -18.61 6.37
N LEU A 92 14.59 -17.92 5.68
CA LEU A 92 14.98 -17.13 4.51
C LEU A 92 16.11 -16.16 4.86
N PRO A 93 17.01 -15.91 3.89
CA PRO A 93 18.07 -14.92 4.09
C PRO A 93 17.52 -13.65 4.73
N GLY A 94 18.14 -13.25 5.84
CA GLY A 94 17.80 -12.02 6.52
C GLY A 94 16.70 -12.17 7.57
N LEU A 95 15.88 -13.21 7.42
CA LEU A 95 14.72 -13.42 8.28
C LEU A 95 14.98 -14.49 9.35
N GLY A 96 14.10 -14.53 10.35
CA GLY A 96 14.30 -15.42 11.49
C GLY A 96 15.66 -15.21 12.10
N GLN A 97 16.46 -16.28 12.13
CA GLN A 97 17.82 -16.19 12.66
C GLN A 97 18.89 -16.23 11.57
N SER A 98 18.47 -16.08 10.31
CA SER A 98 19.42 -15.97 9.20
C SER A 98 19.94 -14.53 9.02
N GLY A 99 21.20 -14.40 8.62
CA GLY A 99 21.80 -13.09 8.40
C GLY A 99 21.36 -12.45 7.09
N PRO A 100 21.60 -11.15 6.94
CA PRO A 100 21.08 -10.40 5.79
C PRO A 100 21.91 -10.51 4.53
N ILE A 101 21.29 -10.23 3.39
CA ILE A 101 22.00 -10.07 2.13
C ILE A 101 22.46 -8.62 2.08
N LEU A 102 23.76 -8.40 2.28
CA LEU A 102 24.26 -7.05 2.53
C LEU A 102 24.11 -6.08 1.37
N ASN A 103 24.15 -6.59 0.14
CA ASN A 103 23.96 -5.73 -1.02
C ASN A 103 22.48 -5.52 -1.38
N ASP A 104 21.60 -6.03 -0.52
CA ASP A 104 20.14 -5.85 -0.68
C ASP A 104 19.54 -6.56 -1.90
N ASP A 105 20.27 -7.50 -2.50
CA ASP A 105 19.73 -8.26 -3.64
C ASP A 105 18.90 -9.44 -3.15
N TYR A 106 17.63 -9.16 -2.83
CA TYR A 106 16.69 -10.18 -2.37
C TYR A 106 15.82 -10.68 -3.54
N SER A 107 16.38 -10.63 -4.75
CA SER A 107 15.68 -11.14 -5.93
C SER A 107 15.65 -12.66 -5.92
N ALA A 108 14.64 -13.20 -6.60
CA ALA A 108 14.45 -14.64 -6.73
C ALA A 108 15.73 -15.39 -7.13
N GLU A 109 16.46 -14.87 -8.11
CA GLU A 109 17.67 -15.55 -8.59
C GLU A 109 18.76 -15.61 -7.52
N ASN A 110 18.97 -14.50 -6.83
CA ASN A 110 19.98 -14.47 -5.76
C ASN A 110 19.64 -15.35 -4.56
N THR A 111 18.41 -15.25 -4.06
CA THR A 111 17.99 -16.05 -2.92
C THR A 111 17.98 -17.53 -3.27
N SER A 112 17.61 -17.84 -4.51
CA SER A 112 17.64 -19.23 -5.00
C SER A 112 19.06 -19.79 -5.02
N LYS A 113 20.02 -18.95 -5.41
CA LYS A 113 21.41 -19.38 -5.44
C LYS A 113 21.91 -19.63 -4.02
N ILE A 114 21.55 -18.72 -3.10
CA ILE A 114 21.94 -18.88 -1.71
C ILE A 114 21.34 -20.18 -1.10
N LEU A 115 20.03 -20.37 -1.32
CA LEU A 115 19.32 -21.53 -0.80
C LEU A 115 19.80 -22.87 -1.34
N ILE A 116 19.94 -22.98 -2.67
CA ILE A 116 20.28 -24.27 -3.25
C ILE A 116 21.65 -24.76 -2.81
N GLY A 117 22.60 -23.85 -2.59
CA GLY A 117 23.92 -24.23 -2.13
C GLY A 117 23.85 -24.86 -0.75
N ALA A 118 23.08 -24.23 0.13
CA ALA A 118 22.88 -24.74 1.48
C ALA A 118 22.12 -26.06 1.45
N ILE A 119 21.07 -26.13 0.64
CA ILE A 119 20.21 -27.30 0.59
C ILE A 119 21.01 -28.55 0.17
N LYS A 120 21.86 -28.38 -0.83
CA LYS A 120 22.62 -29.51 -1.33
C LYS A 120 23.59 -30.06 -0.29
N LYS A 121 24.14 -29.18 0.56
CA LYS A 121 24.97 -29.60 1.68
C LYS A 121 24.16 -30.28 2.79
N ILE A 122 22.99 -29.75 3.10
CA ILE A 122 22.18 -30.27 4.20
C ILE A 122 21.41 -31.53 3.82
N ALA A 123 20.75 -31.49 2.66
CA ALA A 123 19.88 -32.57 2.22
C ALA A 123 20.63 -33.70 1.52
N GLY A 124 21.76 -33.38 0.90
CA GLY A 124 22.54 -34.40 0.20
C GLY A 124 22.19 -34.49 -1.27
N LYS A 125 22.54 -35.63 -1.89
CA LYS A 125 22.46 -35.80 -3.34
C LYS A 125 21.03 -35.88 -3.90
N GLY A 126 20.05 -36.09 -3.02
CA GLY A 126 18.67 -36.14 -3.44
C GLY A 126 18.21 -37.47 -4.03
N PRO A 127 17.05 -37.46 -4.71
CA PRO A 127 16.19 -36.27 -4.90
C PRO A 127 15.49 -35.84 -3.60
N ILE A 128 14.91 -34.64 -3.60
CA ILE A 128 14.18 -34.12 -2.46
C ILE A 128 12.82 -33.59 -2.90
N TYR A 129 11.95 -33.32 -1.93
CA TYR A 129 10.72 -32.59 -2.17
C TYR A 129 10.89 -31.17 -1.61
N TYR A 130 10.28 -30.20 -2.27
CA TYR A 130 10.46 -28.81 -1.90
C TYR A 130 9.09 -28.19 -1.64
N VAL A 131 8.93 -27.57 -0.48
CA VAL A 131 7.66 -26.99 -0.07
C VAL A 131 7.84 -25.55 0.40
N SER A 132 7.08 -24.63 -0.19
CA SER A 132 7.27 -23.20 0.03
CA SER A 132 7.26 -23.21 0.13
C SER A 132 5.95 -22.45 0.37
N HIS A 133 6.05 -21.36 1.12
CA HIS A 133 4.89 -20.57 1.51
C HIS A 133 5.23 -19.07 1.46
N SER A 134 4.26 -18.25 1.04
CA SER A 134 4.41 -16.79 1.09
C SER A 134 5.67 -16.39 0.34
N LEU A 135 6.51 -15.55 0.96
CA LEU A 135 7.74 -15.07 0.31
C LEU A 135 8.68 -16.19 -0.11
N GLY A 136 8.52 -17.38 0.47
CA GLY A 136 9.26 -18.53 -0.03
C GLY A 136 9.01 -18.73 -1.51
N ASN A 137 7.80 -18.41 -1.95
CA ASN A 137 7.40 -18.53 -3.36
C ASN A 137 8.12 -17.51 -4.21
N THR A 138 8.40 -16.35 -3.61
CA THR A 138 9.19 -15.31 -4.25
C THR A 138 10.66 -15.70 -4.36
N ALA A 139 11.16 -16.35 -3.31
CA ALA A 139 12.58 -16.68 -3.22
C ALA A 139 13.00 -17.86 -4.10
N SER A 140 12.01 -18.67 -4.50
CA SER A 140 12.32 -20.06 -4.89
C SER A 140 12.09 -20.49 -6.34
N TYR A 141 11.41 -19.69 -7.17
CA TYR A 141 11.08 -20.24 -8.49
C TYR A 141 12.31 -20.61 -9.36
N PRO A 142 13.34 -19.74 -9.42
CA PRO A 142 14.54 -20.18 -10.15
C PRO A 142 15.19 -21.45 -9.57
N LEU A 143 15.27 -21.55 -8.24
CA LEU A 143 15.78 -22.75 -7.59
C LEU A 143 15.07 -23.99 -8.13
N VAL A 144 13.75 -23.97 -8.09
CA VAL A 144 12.97 -25.12 -8.53
C VAL A 144 13.10 -25.34 -10.02
N ALA A 145 12.86 -24.29 -10.82
CA ALA A 145 12.89 -24.45 -12.28
C ALA A 145 14.24 -24.95 -12.80
N ASN A 146 15.32 -24.53 -12.15
CA ASN A 146 16.68 -24.88 -12.57
C ASN A 146 17.24 -26.17 -11.97
N ASN A 147 16.49 -26.78 -11.06
CA ASN A 147 16.95 -28.00 -10.41
C ASN A 147 15.93 -29.12 -10.39
N GLN A 148 15.18 -29.25 -11.48
CA GLN A 148 14.18 -30.30 -11.59
C GLN A 148 14.86 -31.63 -11.84
N GLY A 149 14.48 -32.64 -11.07
CA GLY A 149 15.22 -33.89 -11.06
C GLY A 149 15.83 -34.03 -9.68
N TYR A 150 16.71 -33.12 -9.31
CA TYR A 150 17.13 -33.00 -7.92
C TYR A 150 15.91 -32.65 -7.05
N ILE A 151 15.13 -31.67 -7.50
CA ILE A 151 13.82 -31.42 -6.92
C ILE A 151 12.84 -32.33 -7.65
N LYS A 152 12.26 -33.28 -6.92
CA LYS A 152 11.42 -34.30 -7.55
C LYS A 152 9.94 -33.88 -7.62
N LYS A 153 9.49 -33.12 -6.63
CA LYS A 153 8.14 -32.56 -6.60
C LYS A 153 8.21 -31.24 -5.83
N ALA A 154 7.37 -30.30 -6.21
CA ALA A 154 7.40 -28.98 -5.58
C ALA A 154 5.99 -28.49 -5.22
N VAL A 155 5.87 -27.85 -4.06
CA VAL A 155 4.59 -27.30 -3.60
C VAL A 155 4.77 -25.81 -3.33
N PHE A 156 3.87 -24.99 -3.86
CA PHE A 156 3.85 -23.56 -3.53
C PHE A 156 2.54 -23.26 -2.78
N MET A 157 2.64 -22.52 -1.68
CA MET A 157 1.48 -22.32 -0.81
C MET A 157 0.96 -20.87 -0.74
N ASP A 158 -0.34 -20.75 -1.00
CA ASP A 158 -1.12 -19.49 -0.93
C ASP A 158 -0.69 -18.30 -1.80
N SER A 159 0.51 -17.77 -1.58
CA SER A 159 0.95 -16.51 -2.20
C SER A 159 1.34 -16.70 -3.65
N PRO A 160 1.12 -15.68 -4.48
CA PRO A 160 1.52 -15.86 -5.88
C PRO A 160 3.04 -15.91 -6.05
N ILE A 161 3.51 -16.63 -7.07
CA ILE A 161 4.90 -16.56 -7.50
C ILE A 161 5.03 -15.27 -8.28
N PRO A 162 6.11 -14.49 -8.04
CA PRO A 162 6.29 -13.25 -8.81
C PRO A 162 6.20 -13.49 -10.30
N ASP A 163 5.30 -12.78 -10.96
CA ASP A 163 5.19 -12.77 -12.41
C ASP A 163 4.58 -11.44 -12.83
N ARG A 164 4.22 -11.31 -14.11
CA ARG A 164 3.69 -10.07 -14.68
C ARG A 164 2.47 -9.51 -13.92
N ALA A 165 1.68 -10.41 -13.32
CA ALA A 165 0.45 -10.00 -12.64
C ALA A 165 0.76 -9.27 -11.34
N MET A 166 1.99 -9.40 -10.86
CA MET A 166 2.39 -8.72 -9.64
C MET A 166 2.55 -7.22 -9.90
N PHE A 167 2.65 -6.85 -11.18
CA PHE A 167 2.54 -5.46 -11.62
C PHE A 167 1.08 -5.04 -11.85
N GLU A 168 0.12 -5.90 -11.51
CA GLU A 168 -1.30 -5.65 -11.81
CA GLU A 168 -1.28 -5.61 -11.79
C GLU A 168 -2.21 -5.74 -10.57
N TYR A 169 -1.85 -6.56 -9.58
CA TYR A 169 -2.74 -6.74 -8.40
C TYR A 169 -3.15 -5.37 -7.85
N PRO A 170 -4.46 -5.13 -7.71
CA PRO A 170 -4.98 -3.81 -7.31
C PRO A 170 -4.70 -3.46 -5.84
N GLY A 171 -4.44 -2.19 -5.59
CA GLY A 171 -4.23 -1.74 -4.23
C GLY A 171 -5.55 -1.65 -3.48
N TYR A 172 -6.64 -1.41 -4.20
CA TYR A 172 -7.94 -1.21 -3.57
C TYR A 172 -9.05 -1.96 -4.31
N THR A 173 -10.03 -2.47 -3.57
CA THR A 173 -11.13 -3.22 -4.16
C THR A 173 -12.47 -2.81 -3.53
N ALA A 174 -13.55 -3.32 -4.11
CA ALA A 174 -14.89 -3.04 -3.60
C ALA A 174 -15.08 -3.58 -2.19
N ASP A 175 -14.22 -4.53 -1.81
CA ASP A 175 -14.23 -5.10 -0.45
C ASP A 175 -13.14 -4.52 0.44
N GLY A 176 -12.55 -3.39 0.02
CA GLY A 176 -11.50 -2.74 0.79
C GLY A 176 -10.11 -2.95 0.21
N PRO A 177 -9.07 -2.74 1.04
CA PRO A 177 -7.67 -2.92 0.64
C PRO A 177 -7.45 -4.24 -0.09
N GLY A 178 -6.72 -4.19 -1.19
CA GLY A 178 -6.55 -5.35 -2.05
C GLY A 178 -5.21 -6.03 -1.92
N LEU A 179 -5.08 -7.16 -2.61
CA LEU A 179 -3.84 -7.93 -2.63
C LEU A 179 -2.62 -7.08 -2.96
N GLY A 180 -2.80 -6.08 -3.83
CA GLY A 180 -1.66 -5.31 -4.29
C GLY A 180 -1.08 -4.27 -3.34
N TRP A 181 -1.86 -3.79 -2.38
CA TRP A 181 -1.41 -2.62 -1.62
C TRP A 181 -0.11 -2.85 -0.85
N HIS A 182 0.03 -4.02 -0.23
CA HIS A 182 1.23 -4.25 0.60
C HIS A 182 2.51 -4.37 -0.23
N PHE A 183 2.39 -4.75 -1.50
CA PHE A 183 3.55 -4.82 -2.40
C PHE A 183 4.14 -3.43 -2.60
N GLY A 184 3.26 -2.43 -2.61
CA GLY A 184 3.66 -1.04 -2.74
C GLY A 184 4.16 -0.46 -1.43
N TYR A 185 3.39 -0.65 -0.35
CA TYR A 185 3.78 -0.12 0.96
C TYR A 185 5.14 -0.64 1.38
N PHE A 186 5.36 -1.94 1.20
CA PHE A 186 6.60 -2.58 1.66
C PHE A 186 7.81 -2.23 0.79
N SER A 187 7.58 -1.57 -0.36
CA SER A 187 8.70 -1.18 -1.23
C SER A 187 8.83 0.34 -1.34
N PHE A 188 8.13 1.04 -0.46
CA PHE A 188 8.08 2.50 -0.43
C PHE A 188 9.19 3.02 0.49
N GLY A 189 10.39 3.23 -0.08
CA GLY A 189 11.54 3.64 0.71
C GLY A 189 11.77 2.71 1.88
N ASP A 190 12.19 3.28 3.01
CA ASP A 190 12.33 2.51 4.23
C ASP A 190 11.21 2.86 5.21
N ILE A 191 10.09 3.35 4.67
CA ILE A 191 8.97 3.84 5.47
C ILE A 191 8.27 2.75 6.30
N ALA A 192 7.95 1.62 5.66
CA ALA A 192 7.37 0.47 6.35
C ALA A 192 8.27 -0.03 7.47
N GLU A 193 9.57 -0.17 7.17
CA GLU A 193 10.53 -0.61 8.17
C GLU A 193 10.51 0.31 9.39
N LYS A 194 10.54 1.61 9.16
CA LYS A 194 10.60 2.57 10.27
C LYS A 194 9.31 2.65 11.08
N GLN A 195 8.18 2.66 10.38
CA GLN A 195 6.90 2.83 11.04
C GLN A 195 6.55 1.57 11.83
N ILE A 196 6.82 0.41 11.24
CA ILE A 196 6.50 -0.85 11.89
C ILE A 196 7.47 -1.12 13.05
N ALA A 197 8.73 -0.75 12.90
CA ALA A 197 9.68 -0.90 14.00
C ALA A 197 9.23 -0.12 15.25
N ASN A 198 8.47 0.96 15.05
CA ASN A 198 8.01 1.78 16.17
C ASN A 198 7.00 1.02 17.02
N ASP A 199 6.23 0.16 16.38
CA ASP A 199 5.22 -0.63 17.09
C ASP A 199 4.86 -1.86 16.25
N PRO A 200 5.73 -2.89 16.25
CA PRO A 200 5.53 -4.10 15.45
C PRO A 200 4.29 -4.85 15.89
N ASN A 201 4.02 -4.87 17.19
CA ASN A 201 2.84 -5.56 17.70
C ASN A 201 1.55 -4.95 17.11
N LEU A 202 1.50 -3.62 17.01
CA LEU A 202 0.34 -2.95 16.44
C LEU A 202 0.11 -3.36 14.99
N PHE A 203 1.12 -3.18 14.14
CA PHE A 203 0.96 -3.52 12.74
C PHE A 203 0.69 -5.02 12.51
N PHE A 204 1.53 -5.87 13.11
CA PHE A 204 1.42 -7.30 12.82
C PHE A 204 0.19 -7.98 13.44
N SER A 205 -0.24 -7.54 14.61
CA SER A 205 -1.46 -8.12 15.19
C SER A 205 -2.62 -7.90 14.22
N TYR A 206 -2.68 -6.71 13.66
CA TYR A 206 -3.75 -6.38 12.71
C TYR A 206 -3.55 -7.08 11.36
N PHE A 207 -2.33 -7.00 10.84
CA PHE A 207 -1.99 -7.64 9.58
C PHE A 207 -2.24 -9.15 9.65
N ILE A 208 -1.71 -9.82 10.67
CA ILE A 208 -1.83 -11.28 10.79
C ILE A 208 -3.29 -11.73 10.91
N LYS A 209 -4.05 -11.10 11.80
CA LYS A 209 -5.45 -11.46 11.96
C LYS A 209 -6.27 -11.21 10.70
N THR A 210 -5.97 -10.13 9.99
CA THR A 210 -6.70 -9.80 8.75
C THR A 210 -6.63 -10.94 7.73
N TYR A 211 -5.45 -11.54 7.63
CA TYR A 211 -5.27 -12.58 6.62
CA TYR A 211 -5.14 -12.60 6.65
C TYR A 211 -5.51 -13.99 7.16
N ALA A 212 -5.92 -14.07 8.42
CA ALA A 212 -6.34 -15.34 9.00
C ALA A 212 -7.81 -15.59 8.73
N GLY A 213 -8.15 -16.85 8.49
CA GLY A 213 -9.54 -17.30 8.51
C GLY A 213 -9.97 -17.53 9.94
N LYS A 214 -9.17 -18.30 10.68
CA LYS A 214 -9.48 -18.62 12.07
C LYS A 214 -8.76 -17.66 13.02
N LYS A 215 -9.34 -16.48 13.21
CA LYS A 215 -8.70 -15.40 13.95
C LYS A 215 -8.45 -15.74 15.42
N GLU A 216 -9.31 -16.59 15.97
CA GLU A 216 -9.25 -16.95 17.39
C GLU A 216 -7.93 -17.65 17.77
N ILE A 217 -7.28 -18.28 16.81
CA ILE A 217 -6.00 -18.92 17.06
C ILE A 217 -4.94 -17.90 17.50
N PHE A 218 -5.04 -16.70 16.97
CA PHE A 218 -4.02 -15.66 17.21
C PHE A 218 -4.22 -14.86 18.50
N THR A 219 -3.94 -15.52 19.62
CA THR A 219 -3.92 -14.91 20.92
C THR A 219 -2.78 -13.91 21.00
N PRO A 220 -2.79 -13.03 22.02
CA PRO A 220 -1.66 -12.10 22.17
C PRO A 220 -0.33 -12.83 22.37
N GLU A 221 -0.36 -13.93 23.13
CA GLU A 221 0.85 -14.72 23.38
C GLU A 221 1.42 -15.38 22.11
N LEU A 222 0.55 -16.00 21.30
CA LEU A 222 1.02 -16.52 20.02
C LEU A 222 1.54 -15.40 19.12
N LEU A 223 0.80 -14.29 19.11
CA LEU A 223 1.19 -13.14 18.28
C LEU A 223 2.54 -12.58 18.72
N ALA A 224 2.76 -12.51 20.03
CA ALA A 224 4.07 -12.10 20.56
C ALA A 224 5.18 -13.02 20.01
N GLU A 225 4.93 -14.32 19.97
CA GLU A 225 5.89 -15.28 19.42
C GLU A 225 6.14 -15.11 17.91
N LEU A 226 5.10 -14.76 17.18
CA LEU A 226 5.21 -14.62 15.73
C LEU A 226 5.87 -13.29 15.34
N ILE A 227 5.70 -12.27 16.19
CA ILE A 227 6.10 -10.92 15.83
C ILE A 227 7.54 -10.61 16.30
N GLU A 228 7.93 -11.22 17.42
CA GLU A 228 9.30 -11.08 17.91
C GLU A 228 10.38 -11.21 16.83
N PRO A 229 10.25 -12.18 15.89
CA PRO A 229 11.29 -12.29 14.83
C PRO A 229 11.29 -11.10 13.88
N TYR A 230 10.24 -10.29 13.91
CA TYR A 230 10.08 -9.14 13.01
C TYR A 230 9.99 -7.83 13.82
N SER A 231 10.62 -7.82 14.99
CA SER A 231 10.40 -6.73 15.92
C SER A 231 11.53 -5.69 15.88
N THR A 232 12.51 -5.88 15.01
CA THR A 232 13.62 -4.94 14.94
C THR A 232 13.83 -4.42 13.52
N ARG A 233 14.44 -3.23 13.39
CA ARG A 233 14.72 -2.63 12.06
C ARG A 233 15.50 -3.54 11.13
N ASP A 234 16.52 -4.25 11.62
CA ASP A 234 17.30 -5.12 10.73
C ASP A 234 16.46 -6.24 10.10
N LYS A 235 15.59 -6.87 10.88
CA LYS A 235 14.75 -7.96 10.37
C LYS A 235 13.68 -7.45 9.41
N LEU A 236 13.08 -6.32 9.76
CA LEU A 236 12.10 -5.69 8.89
C LEU A 236 12.74 -5.22 7.58
N LYS A 237 13.94 -4.66 7.66
CA LYS A 237 14.65 -4.24 6.45
C LYS A 237 14.85 -5.41 5.48
N ALA A 238 15.28 -6.55 6.02
CA ALA A 238 15.44 -7.74 5.19
C ALA A 238 14.09 -8.18 4.61
N ALA A 239 13.07 -8.25 5.45
CA ALA A 239 11.76 -8.67 4.98
C ALA A 239 11.32 -7.81 3.80
N PHE A 240 11.51 -6.50 3.92
CA PHE A 240 11.02 -5.59 2.91
C PHE A 240 11.95 -5.51 1.69
N GLY A 241 13.16 -6.04 1.84
CA GLY A 241 14.04 -6.20 0.70
C GLY A 241 13.43 -7.15 -0.34
N TYR A 242 12.76 -8.20 0.13
CA TYR A 242 12.10 -9.13 -0.81
C TYR A 242 11.09 -8.35 -1.67
N TYR A 243 10.50 -7.34 -1.06
CA TYR A 243 9.49 -6.53 -1.74
C TYR A 243 10.10 -5.50 -2.69
N ARG A 244 11.18 -4.87 -2.26
CA ARG A 244 11.93 -3.96 -3.12
C ARG A 244 12.44 -4.71 -4.34
N SER A 245 12.79 -5.97 -4.13
CA SER A 245 13.40 -6.77 -5.20
C SER A 245 12.38 -7.51 -6.07
N HIS A 246 11.09 -7.29 -5.81
CA HIS A 246 10.06 -8.00 -6.57
C HIS A 246 10.10 -7.71 -8.06
N ALA A 247 10.41 -6.47 -8.45
CA ALA A 247 10.45 -6.17 -9.88
C ALA A 247 11.58 -6.96 -10.56
N ASP A 248 12.72 -7.08 -9.88
CA ASP A 248 13.77 -7.99 -10.34
C ASP A 248 13.28 -9.43 -10.42
N SER A 249 12.60 -9.90 -9.36
CA SER A 249 12.12 -11.28 -9.30
C SER A 249 11.13 -11.56 -10.44
N ILE A 250 10.32 -10.57 -10.77
CA ILE A 250 9.36 -10.69 -11.87
C ILE A 250 10.07 -10.84 -13.21
N ARG A 251 11.05 -9.98 -13.46
CA ARG A 251 11.82 -10.03 -14.71
CA ARG A 251 11.78 -10.03 -14.72
C ARG A 251 12.52 -11.36 -14.86
N GLN A 252 13.07 -11.85 -13.76
CA GLN A 252 13.78 -13.11 -13.74
C GLN A 252 12.86 -14.31 -14.01
N ASN A 253 11.70 -14.32 -13.38
CA ASN A 253 10.76 -15.44 -13.57
C ASN A 253 10.16 -15.38 -14.98
N GLU A 254 9.85 -14.18 -15.44
CA GLU A 254 9.34 -14.03 -16.81
C GLU A 254 10.39 -14.49 -17.84
N ALA A 255 11.66 -14.18 -17.60
CA ALA A 255 12.72 -14.64 -18.51
C ALA A 255 12.79 -16.17 -18.52
N LEU A 256 12.66 -16.77 -17.34
CA LEU A 256 12.64 -18.22 -17.21
C LEU A 256 11.49 -18.81 -18.03
N LEU A 257 10.28 -18.29 -17.83
CA LEU A 257 9.11 -18.78 -18.55
C LEU A 257 9.25 -18.59 -20.06
N ALA A 258 9.76 -17.43 -20.48
CA ALA A 258 9.92 -17.17 -21.92
C ALA A 258 10.96 -18.08 -22.56
N ASN A 259 11.90 -18.59 -21.75
CA ASN A 259 12.89 -19.54 -22.24
C ASN A 259 12.45 -20.98 -22.01
N GLY A 260 11.17 -21.16 -21.72
CA GLY A 260 10.59 -22.49 -21.61
C GLY A 260 10.80 -23.20 -20.28
N LYS A 261 11.42 -22.53 -19.31
CA LYS A 261 11.70 -23.19 -18.03
C LYS A 261 10.46 -23.27 -17.13
N LYS A 262 9.42 -23.94 -17.65
CA LYS A 262 8.22 -24.24 -16.88
C LYS A 262 8.49 -25.47 -16.02
N LEU A 263 7.58 -25.80 -15.12
CA LEU A 263 7.75 -27.01 -14.31
C LEU A 263 7.36 -28.26 -15.11
N THR A 264 8.21 -29.28 -15.07
CA THR A 264 7.96 -30.55 -15.74
C THR A 264 7.97 -31.68 -14.72
N ILE A 265 7.97 -31.32 -13.45
CA ILE A 265 7.83 -32.26 -12.36
C ILE A 265 6.46 -32.05 -11.77
N PRO A 266 5.94 -33.04 -11.03
CA PRO A 266 4.66 -32.79 -10.37
C PRO A 266 4.75 -31.54 -9.48
N SER A 267 3.72 -30.71 -9.50
CA SER A 267 3.71 -29.52 -8.66
C SER A 267 2.32 -29.30 -8.08
N MET A 268 2.25 -28.56 -6.97
CA MET A 268 0.96 -28.30 -6.34
C MET A 268 0.85 -26.85 -5.92
N ALA A 269 -0.33 -26.27 -6.16
CA ALA A 269 -0.70 -25.02 -5.53
C ALA A 269 -1.65 -25.35 -4.39
N LEU A 270 -1.25 -25.02 -3.18
CA LEU A 270 -2.02 -25.34 -1.98
C LEU A 270 -2.29 -24.03 -1.27
N THR A 271 -3.57 -23.65 -1.21
CA THR A 271 -3.91 -22.31 -0.78
C THR A 271 -5.03 -22.33 0.24
N GLY A 272 -5.28 -21.19 0.88
CA GLY A 272 -6.37 -21.06 1.82
C GLY A 272 -7.48 -20.20 1.23
N GLN A 273 -8.71 -20.70 1.28
CA GLN A 273 -9.84 -19.97 0.73
C GLN A 273 -10.00 -18.56 1.32
N LYS A 274 -9.67 -18.42 2.60
CA LYS A 274 -9.79 -17.13 3.29
C LYS A 274 -8.47 -16.37 3.26
N GLY A 275 -7.49 -16.93 2.55
CA GLY A 275 -6.20 -16.28 2.36
C GLY A 275 -6.11 -15.64 0.97
N VAL A 276 -5.01 -15.88 0.26
CA VAL A 276 -4.86 -15.37 -1.11
C VAL A 276 -5.81 -16.12 -2.05
N ASN A 277 -6.21 -17.32 -1.64
CA ASN A 277 -7.31 -18.04 -2.29
C ASN A 277 -6.93 -18.61 -3.68
N ASP A 278 -7.55 -18.12 -4.76
CA ASP A 278 -7.39 -18.79 -6.05
C ASP A 278 -6.32 -18.20 -6.99
N VAL A 279 -5.63 -17.14 -6.54
CA VAL A 279 -4.68 -16.44 -7.40
C VAL A 279 -3.52 -17.35 -7.84
N LEU A 280 -2.87 -18.02 -6.90
CA LEU A 280 -1.76 -18.94 -7.20
C LEU A 280 -2.21 -20.13 -8.03
N VAL A 281 -3.38 -20.66 -7.71
CA VAL A 281 -3.95 -21.81 -8.42
C VAL A 281 -4.11 -21.51 -9.90
N LYS A 282 -4.71 -20.37 -10.20
N LYS A 282 -4.70 -20.37 -10.21
CA LYS A 282 -4.90 -19.94 -11.58
CA LYS A 282 -4.89 -19.99 -11.61
C LYS A 282 -3.56 -19.63 -12.26
C LYS A 282 -3.57 -19.61 -12.28
N GLU A 283 -2.69 -18.94 -11.53
CA GLU A 283 -1.39 -18.53 -12.07
C GLU A 283 -0.53 -19.72 -12.48
N MET A 284 -0.40 -20.69 -11.57
CA MET A 284 0.42 -21.86 -11.87
C MET A 284 -0.16 -22.65 -13.02
N ARG A 285 -1.48 -22.82 -13.03
CA ARG A 285 -2.11 -23.58 -14.09
C ARG A 285 -1.91 -22.95 -15.47
N ALA A 286 -2.05 -21.63 -15.55
CA ALA A 286 -1.96 -20.95 -16.84
C ALA A 286 -0.53 -20.76 -17.35
N ARG A 287 0.42 -20.58 -16.45
CA ARG A 287 1.73 -20.08 -16.84
C ARG A 287 2.97 -20.88 -16.44
N PHE A 288 2.86 -21.66 -15.36
CA PHE A 288 4.05 -22.30 -14.77
C PHE A 288 4.17 -23.81 -14.97
N VAL A 289 3.09 -24.46 -15.40
CA VAL A 289 3.10 -25.91 -15.51
C VAL A 289 3.13 -26.38 -16.96
N ALA A 290 4.14 -27.17 -17.32
CA ALA A 290 4.22 -27.68 -18.69
C ALA A 290 3.06 -28.63 -19.00
N ASP A 291 2.74 -29.50 -18.04
CA ASP A 291 1.70 -30.50 -18.24
C ASP A 291 0.72 -30.46 -17.10
N PRO A 292 -0.51 -30.01 -17.38
CA PRO A 292 -1.60 -29.89 -16.39
C PRO A 292 -1.85 -31.20 -15.64
N ALA A 293 -1.61 -32.33 -16.29
CA ALA A 293 -1.79 -33.63 -15.64
C ALA A 293 -0.84 -33.84 -14.47
N GLN A 294 0.25 -33.07 -14.42
CA GLN A 294 1.20 -33.20 -13.32
C GLN A 294 0.86 -32.25 -12.17
N TYR A 295 -0.17 -31.44 -12.37
CA TYR A 295 -0.45 -30.31 -11.48
C TYR A 295 -1.66 -30.57 -10.57
N THR A 296 -1.50 -30.30 -9.29
CA THR A 296 -2.58 -30.51 -8.31
C THR A 296 -2.93 -29.16 -7.68
N ALA A 297 -4.21 -28.84 -7.63
CA ALA A 297 -4.65 -27.60 -6.99
C ALA A 297 -5.58 -27.97 -5.84
N ILE A 298 -5.32 -27.40 -4.67
CA ILE A 298 -6.16 -27.60 -3.49
C ILE A 298 -6.34 -26.30 -2.72
N ILE A 299 -7.59 -25.87 -2.59
CA ILE A 299 -7.93 -24.69 -1.81
C ILE A 299 -8.65 -25.16 -0.54
N LEU A 300 -7.99 -25.01 0.61
CA LEU A 300 -8.58 -25.43 1.88
C LEU A 300 -9.63 -24.44 2.32
N PRO A 301 -10.88 -24.91 2.51
CA PRO A 301 -11.96 -23.99 2.90
C PRO A 301 -11.77 -23.53 4.35
N ASP A 302 -12.30 -22.35 4.67
CA ASP A 302 -12.29 -21.82 6.03
C ASP A 302 -10.88 -21.68 6.61
N THR A 303 -9.90 -21.68 5.72
CA THR A 303 -8.51 -21.57 6.11
C THR A 303 -7.93 -20.31 5.49
N GLY A 304 -7.27 -19.49 6.30
CA GLY A 304 -6.68 -18.29 5.79
C GLY A 304 -5.25 -18.51 5.31
N HIS A 305 -4.49 -17.42 5.27
CA HIS A 305 -3.13 -17.41 4.79
C HIS A 305 -2.16 -18.20 5.66
N TRP A 306 -2.39 -18.21 6.96
CA TRP A 306 -1.46 -18.86 7.89
C TRP A 306 -1.84 -20.33 8.00
N MET A 307 -1.56 -21.07 6.93
CA MET A 307 -2.21 -22.35 6.67
C MET A 307 -1.93 -23.45 7.70
N VAL A 308 -0.69 -23.53 8.18
CA VAL A 308 -0.36 -24.52 9.18
C VAL A 308 -0.87 -24.13 10.57
N GLU A 309 -0.81 -22.83 10.91
CA GLU A 309 -1.43 -22.37 12.16
C GLU A 309 -2.92 -22.69 12.20
N GLU A 310 -3.58 -22.52 11.06
CA GLU A 310 -5.04 -22.53 11.04
C GLU A 310 -5.62 -23.90 10.71
N ASN A 311 -4.87 -24.69 9.96
CA ASN A 311 -5.36 -26.00 9.52
C ASN A 311 -4.19 -26.98 9.32
N ALA A 312 -3.47 -27.29 10.39
CA ALA A 312 -2.29 -28.14 10.30
C ALA A 312 -2.63 -29.49 9.68
N GLU A 313 -3.77 -30.07 10.08
CA GLU A 313 -4.17 -31.38 9.56
C GLU A 313 -4.45 -31.37 8.06
N GLY A 314 -5.18 -30.36 7.58
CA GLY A 314 -5.43 -30.21 6.16
C GLY A 314 -4.17 -30.04 5.34
N VAL A 315 -3.23 -29.25 5.82
CA VAL A 315 -1.96 -29.08 5.14
C VAL A 315 -1.17 -30.40 5.09
N GLU A 316 -1.06 -31.06 6.24
CA GLU A 316 -0.35 -32.33 6.31
C GLU A 316 -0.94 -33.38 5.38
N LYS A 317 -2.27 -33.51 5.37
CA LYS A 317 -2.89 -34.51 4.50
C LYS A 317 -2.73 -34.15 3.02
N SER A 318 -2.89 -32.87 2.69
CA SER A 318 -2.73 -32.42 1.30
C SER A 318 -1.31 -32.68 0.82
N LEU A 319 -0.33 -32.28 1.63
CA LEU A 319 1.08 -32.54 1.35
C LEU A 319 1.37 -34.04 1.22
N SER A 320 0.87 -34.83 2.17
CA SER A 320 1.09 -36.28 2.16
C SER A 320 0.50 -36.95 0.93
N ASN A 321 -0.76 -36.61 0.62
CA ASN A 321 -1.40 -37.16 -0.58
C ASN A 321 -0.66 -36.82 -1.87
N PHE A 322 -0.07 -35.64 -1.92
CA PHE A 322 0.60 -35.19 -3.14
C PHE A 322 2.03 -35.72 -3.21
N LEU A 323 2.76 -35.56 -2.12
CA LEU A 323 4.18 -35.93 -2.09
C LEU A 323 4.42 -37.44 -2.07
N PHE A 324 3.63 -38.17 -1.28
CA PHE A 324 4.00 -39.55 -0.91
C PHE A 324 3.22 -40.64 -1.65
N GLU B 1 7.50 10.85 -9.49
CA GLU B 1 7.93 9.50 -9.81
C GLU B 1 8.79 8.88 -8.69
N TYR B 2 8.53 7.60 -8.39
CA TYR B 2 9.30 6.89 -7.35
C TYR B 2 10.80 6.99 -7.59
N ASP B 3 11.52 7.48 -6.58
CA ASP B 3 12.97 7.60 -6.60
C ASP B 3 13.56 6.64 -5.56
N PRO B 4 14.17 5.54 -6.04
CA PRO B 4 14.70 4.53 -5.11
C PRO B 4 15.88 5.04 -4.28
N ASN B 5 16.44 6.19 -4.65
CA ASN B 5 17.56 6.77 -3.91
C ASN B 5 17.17 7.87 -2.92
N LEU B 6 15.90 8.26 -2.89
CA LEU B 6 15.43 9.27 -1.94
C LEU B 6 15.54 8.72 -0.51
N LYS B 7 16.13 9.51 0.38
CA LYS B 7 16.28 9.09 1.76
C LYS B 7 15.14 9.64 2.61
N SER B 8 14.71 8.88 3.60
CA SER B 8 13.75 9.40 4.56
C SER B 8 14.53 10.16 5.62
N ILE B 9 13.88 11.08 6.33
CA ILE B 9 14.53 11.86 7.38
C ILE B 9 14.83 11.02 8.60
N ASP B 10 15.66 11.54 9.50
CA ASP B 10 15.85 10.89 10.78
C ASP B 10 15.61 11.87 11.94
N THR B 11 14.97 13.00 11.64
CA THR B 11 14.58 13.94 12.68
C THR B 11 13.74 13.25 13.76
N PRO B 12 14.08 13.47 15.03
CA PRO B 12 13.26 12.87 16.09
C PRO B 12 11.87 13.50 16.10
N PRO B 13 10.83 12.68 16.31
CA PRO B 13 9.44 13.16 16.35
C PRO B 13 9.24 14.35 17.31
N ALA B 14 9.96 14.36 18.44
CA ALA B 14 9.83 15.46 19.40
C ALA B 14 10.30 16.79 18.81
N VAL B 15 11.40 16.75 18.08
CA VAL B 15 11.92 17.91 17.37
C VAL B 15 10.95 18.38 16.28
N SER B 16 10.41 17.43 15.52
CA SER B 16 9.42 17.76 14.50
C SER B 16 8.19 18.44 15.12
N GLN B 17 7.75 17.92 16.26
CA GLN B 17 6.59 18.50 16.95
C GLN B 17 6.87 19.97 17.34
N GLN B 18 8.09 20.25 17.76
CA GLN B 18 8.51 21.63 18.05
C GLN B 18 8.38 22.51 16.81
N MET B 19 8.76 21.96 15.65
CA MET B 19 8.61 22.66 14.37
C MET B 19 7.13 22.96 14.05
N PHE B 20 6.27 21.97 14.27
CA PHE B 20 4.83 22.14 14.02
C PHE B 20 4.27 23.21 14.95
N ASN B 21 4.70 23.19 16.21
CA ASN B 21 4.25 24.18 17.20
C ASN B 21 4.63 25.59 16.80
N LYS B 22 5.83 25.71 16.26
CA LYS B 22 6.38 26.99 15.87
C LYS B 22 5.59 27.52 14.67
N VAL B 23 5.23 26.62 13.76
CA VAL B 23 4.40 26.99 12.61
C VAL B 23 3.07 27.59 13.08
N LYS B 24 2.42 26.92 14.02
CA LYS B 24 1.11 27.38 14.49
C LYS B 24 1.22 28.67 15.31
N SER B 25 2.10 28.67 16.30
CA SER B 25 2.32 29.84 17.16
C SER B 25 2.79 31.10 16.40
N ASN B 26 3.50 30.92 15.30
CA ASN B 26 3.97 32.06 14.52
C ASN B 26 3.00 32.44 13.40
N GLY B 27 1.90 31.67 13.30
CA GLY B 27 0.88 31.94 12.29
C GLY B 27 1.35 31.72 10.87
N LEU B 28 2.13 30.67 10.66
CA LEU B 28 2.70 30.36 9.35
C LEU B 28 1.91 29.26 8.67
N GLY B 29 2.32 28.87 7.46
CA GLY B 29 1.68 27.77 6.76
C GLY B 29 0.21 28.00 6.50
N GLN B 30 -0.65 27.08 6.96
CA GLN B 30 -2.09 27.18 6.69
C GLN B 30 -2.75 28.37 7.37
N TYR B 31 -2.06 28.96 8.35
CA TYR B 31 -2.59 30.08 9.12
C TYR B 31 -2.16 31.42 8.54
N ALA B 32 -1.30 31.38 7.51
CA ALA B 32 -0.76 32.59 6.92
C ALA B 32 -1.52 32.93 5.65
N TYR B 33 -2.12 34.11 5.62
CA TYR B 33 -2.78 34.55 4.38
C TYR B 33 -2.34 35.96 4.02
N ALA B 34 -2.10 36.17 2.74
CA ALA B 34 -1.51 37.41 2.26
C ALA B 34 -2.52 38.54 2.23
N LYS B 35 -2.01 39.77 2.23
CA LYS B 35 -2.79 40.99 2.05
C LYS B 35 -3.80 40.80 0.92
N GLY B 36 -5.06 41.12 1.19
CA GLY B 36 -6.12 40.95 0.22
C GLY B 36 -7.01 39.77 0.56
N LEU B 37 -6.48 38.85 1.36
CA LEU B 37 -7.19 37.62 1.69
C LEU B 37 -7.73 37.64 3.11
N SER B 38 -8.86 36.97 3.32
CA SER B 38 -9.49 36.90 4.62
C SER B 38 -9.79 35.46 4.98
N SER B 39 -9.48 35.09 6.22
CA SER B 39 -9.76 33.75 6.72
C SER B 39 -11.09 33.76 7.45
N LYS B 40 -11.99 32.87 7.05
CA LYS B 40 -13.31 32.80 7.66
C LYS B 40 -13.75 31.37 7.87
N PHE B 41 -14.86 31.23 8.59
CA PHE B 41 -15.48 29.94 8.84
C PHE B 41 -16.97 30.00 8.51
N ILE B 42 -17.52 28.86 8.08
CA ILE B 42 -18.94 28.78 7.77
C ILE B 42 -19.45 27.39 8.12
N GLU B 43 -20.66 27.35 8.68
CA GLU B 43 -21.29 26.09 9.04
C GLU B 43 -22.14 25.60 7.87
N SER B 44 -21.97 24.32 7.53
CA SER B 44 -22.74 23.70 6.47
C SER B 44 -23.04 22.26 6.85
N GLU B 45 -24.33 21.95 7.03
CA GLU B 45 -24.78 20.62 7.42
C GLU B 45 -24.14 20.15 8.73
N GLY B 46 -23.96 21.09 9.65
CA GLY B 46 -23.38 20.76 10.95
C GLY B 46 -21.87 20.62 10.98
N VAL B 47 -21.21 20.88 9.84
CA VAL B 47 -19.75 20.81 9.77
C VAL B 47 -19.22 22.22 9.60
N LYS B 48 -18.31 22.65 10.48
CA LYS B 48 -17.73 23.98 10.36
C LYS B 48 -16.57 24.01 9.36
N LEU B 49 -16.77 24.71 8.25
CA LEU B 49 -15.74 24.78 7.21
C LEU B 49 -14.88 26.03 7.36
N HIS B 50 -13.58 25.87 7.19
CA HIS B 50 -12.68 27.02 7.11
C HIS B 50 -12.45 27.35 5.63
N TYR B 51 -12.45 28.64 5.31
CA TYR B 51 -12.12 29.05 3.96
C TYR B 51 -11.35 30.35 3.98
N VAL B 52 -10.73 30.66 2.86
CA VAL B 52 -10.03 31.90 2.67
C VAL B 52 -10.54 32.50 1.36
N GLU B 53 -10.77 33.81 1.35
CA GLU B 53 -11.28 34.45 0.13
C GLU B 53 -10.64 35.80 -0.11
N GLY B 54 -10.72 36.25 -1.36
CA GLY B 54 -10.21 37.54 -1.75
C GLY B 54 -10.97 38.00 -2.96
N GLY B 55 -10.80 39.29 -3.29
CA GLY B 55 -11.48 39.85 -4.43
C GLY B 55 -12.93 40.15 -4.13
N SER B 56 -13.66 40.57 -5.16
CA SER B 56 -15.05 40.96 -5.01
C SER B 56 -15.79 40.76 -6.33
N LYS B 57 -15.42 41.56 -7.33
CA LYS B 57 -16.09 41.50 -8.62
C LYS B 57 -15.50 40.44 -9.54
N GLY B 58 -16.28 40.02 -10.54
CA GLY B 58 -15.83 39.05 -11.51
C GLY B 58 -16.26 37.65 -11.13
N THR B 59 -16.37 36.77 -12.13
CA THR B 59 -16.84 35.41 -11.92
C THR B 59 -16.03 34.76 -10.81
N PRO B 60 -16.74 34.27 -9.78
CA PRO B 60 -16.03 33.64 -8.67
C PRO B 60 -15.31 32.37 -9.09
N ILE B 61 -14.19 32.08 -8.42
CA ILE B 61 -13.49 30.83 -8.65
C ILE B 61 -13.31 30.11 -7.31
N VAL B 62 -13.83 28.90 -7.22
CA VAL B 62 -13.73 28.10 -6.01
C VAL B 62 -12.63 27.04 -6.17
N PHE B 63 -11.69 27.01 -5.22
CA PHE B 63 -10.55 26.11 -5.27
C PHE B 63 -10.64 25.08 -4.15
N ILE B 64 -10.54 23.81 -4.52
CA ILE B 64 -10.64 22.71 -3.57
C ILE B 64 -9.38 21.85 -3.56
N HIS B 65 -8.62 21.93 -2.47
CA HIS B 65 -7.36 21.21 -2.33
C HIS B 65 -7.56 19.72 -2.09
N GLY B 66 -6.46 18.98 -1.97
CA GLY B 66 -6.53 17.57 -1.68
C GLY B 66 -5.58 17.14 -0.58
N PHE B 67 -5.20 15.86 -0.63
CA PHE B 67 -4.39 15.23 0.41
C PHE B 67 -2.97 15.81 0.48
N GLY B 68 -2.50 16.10 1.70
CA GLY B 68 -1.19 16.69 1.87
C GLY B 68 -1.22 18.20 1.73
N SER B 69 -2.39 18.72 1.40
CA SER B 69 -2.59 20.15 1.20
C SER B 69 -3.70 20.71 2.08
N THR B 70 -3.84 22.04 2.06
CA THR B 70 -5.02 22.72 2.57
C THR B 70 -5.35 23.80 1.55
N TRP B 71 -6.27 24.71 1.90
CA TRP B 71 -6.54 25.90 1.08
C TRP B 71 -5.24 26.56 0.59
N LYS B 72 -4.22 26.50 1.44
CA LYS B 72 -2.96 27.23 1.25
C LYS B 72 -2.28 26.91 -0.09
N MET B 73 -2.51 25.69 -0.60
CA MET B 73 -1.89 25.31 -1.87
C MET B 73 -2.29 26.27 -3.01
N TRP B 74 -3.44 26.94 -2.85
CA TRP B 74 -3.94 27.82 -3.89
C TRP B 74 -3.53 29.28 -3.77
N GLU B 75 -2.89 29.66 -2.65
CA GLU B 75 -2.57 31.07 -2.39
C GLU B 75 -1.97 31.86 -3.57
N PRO B 76 -0.93 31.32 -4.25
CA PRO B 76 -0.35 32.10 -5.36
C PRO B 76 -1.34 32.40 -6.48
N VAL B 77 -2.17 31.42 -6.83
CA VAL B 77 -3.17 31.57 -7.89
C VAL B 77 -4.26 32.55 -7.46
N MET B 78 -4.68 32.45 -6.19
CA MET B 78 -5.68 33.36 -5.64
C MET B 78 -5.22 34.81 -5.73
N LEU B 79 -3.97 35.05 -5.37
CA LEU B 79 -3.42 36.40 -5.40
C LEU B 79 -3.33 36.92 -6.84
N SER B 80 -3.07 36.00 -7.76
CA SER B 80 -2.92 36.34 -9.16
C SER B 80 -4.27 36.72 -9.76
N TYR B 81 -5.35 36.13 -9.25
CA TYR B 81 -6.67 36.29 -9.85
C TYR B 81 -7.58 37.28 -9.13
N MET B 82 -7.24 37.62 -7.89
CA MET B 82 -8.17 38.36 -7.05
C MET B 82 -8.52 39.76 -7.55
N LYS B 83 -7.66 40.36 -8.38
CA LYS B 83 -7.96 41.67 -8.96
C LYS B 83 -9.19 41.62 -9.87
N ASP B 84 -9.35 40.50 -10.58
CA ASP B 84 -10.42 40.36 -11.57
C ASP B 84 -11.51 39.40 -11.12
N HIS B 85 -11.22 38.64 -10.07
CA HIS B 85 -12.13 37.58 -9.64
C HIS B 85 -12.26 37.44 -8.14
N LYS B 86 -13.49 37.20 -7.70
CA LYS B 86 -13.73 36.66 -6.38
C LYS B 86 -13.02 35.29 -6.37
N VAL B 87 -12.16 35.07 -5.38
CA VAL B 87 -11.45 33.79 -5.27
C VAL B 87 -11.70 33.18 -3.90
N ILE B 88 -12.07 31.89 -3.90
CA ILE B 88 -12.46 31.20 -2.67
C ILE B 88 -11.81 29.82 -2.60
N ALA B 89 -11.00 29.60 -1.57
CA ALA B 89 -10.42 28.27 -1.33
C ALA B 89 -10.90 27.74 0.01
N ILE B 90 -11.52 26.56 -0.03
CA ILE B 90 -12.14 25.98 1.14
C ILE B 90 -11.34 24.77 1.61
N ASP B 91 -11.13 24.64 2.92
CA ASP B 91 -10.57 23.42 3.49
C ASP B 91 -11.59 22.29 3.43
N LEU B 92 -11.20 21.15 2.86
CA LEU B 92 -12.05 19.97 2.80
C LEU B 92 -12.53 19.59 4.20
N PRO B 93 -13.77 19.12 4.31
CA PRO B 93 -14.30 18.65 5.60
C PRO B 93 -13.30 17.76 6.34
N GLY B 94 -13.03 18.10 7.59
CA GLY B 94 -12.11 17.33 8.41
C GLY B 94 -10.67 17.76 8.30
N LEU B 95 -10.29 18.38 7.17
CA LEU B 95 -8.90 18.74 6.90
C LEU B 95 -8.63 20.23 7.10
N GLY B 96 -7.36 20.61 7.12
CA GLY B 96 -7.00 22.00 7.36
C GLY B 96 -7.62 22.47 8.66
N GLN B 97 -8.36 23.57 8.61
CA GLN B 97 -9.06 24.05 9.82
C GLN B 97 -10.57 23.79 9.78
N SER B 98 -11.00 22.95 8.86
CA SER B 98 -12.40 22.51 8.84
C SER B 98 -12.62 21.36 9.82
N GLY B 99 -13.79 21.32 10.45
CA GLY B 99 -14.13 20.24 11.36
C GLY B 99 -14.49 18.94 10.64
N PRO B 100 -14.50 17.82 11.38
CA PRO B 100 -14.70 16.50 10.78
C PRO B 100 -16.16 16.15 10.48
N ILE B 101 -16.35 15.17 9.61
CA ILE B 101 -17.65 14.57 9.38
C ILE B 101 -17.79 13.44 10.38
N LEU B 102 -18.60 13.65 11.41
CA LEU B 102 -18.55 12.77 12.58
C LEU B 102 -19.09 11.35 12.38
N ASN B 103 -19.92 11.14 11.36
CA ASN B 103 -20.40 9.78 11.07
C ASN B 103 -19.48 9.05 10.08
N ASP B 104 -18.36 9.69 9.77
CA ASP B 104 -17.31 9.12 8.93
C ASP B 104 -17.71 8.95 7.46
N ASP B 105 -18.81 9.59 7.04
CA ASP B 105 -19.22 9.46 5.63
C ASP B 105 -18.49 10.50 4.77
N TYR B 106 -17.28 10.14 4.34
CA TYR B 106 -16.49 11.00 3.48
C TYR B 106 -16.66 10.62 2.01
N SER B 107 -17.83 10.12 1.64
CA SER B 107 -18.09 9.78 0.24
C SER B 107 -18.32 11.06 -0.58
N ALA B 108 -18.10 10.96 -1.89
CA ALA B 108 -18.28 12.07 -2.83
C ALA B 108 -19.62 12.80 -2.66
N GLU B 109 -20.71 12.06 -2.52
CA GLU B 109 -22.03 12.68 -2.39
CA GLU B 109 -22.01 12.71 -2.41
C GLU B 109 -22.17 13.49 -1.12
N ASN B 110 -21.69 12.94 0.00
CA ASN B 110 -21.81 13.65 1.26
C ASN B 110 -20.95 14.93 1.30
N THR B 111 -19.69 14.82 0.91
CA THR B 111 -18.79 15.98 0.89
C THR B 111 -19.28 17.04 -0.12
N SER B 112 -19.79 16.58 -1.26
CA SER B 112 -20.41 17.49 -2.23
C SER B 112 -21.60 18.24 -1.64
N LYS B 113 -22.43 17.55 -0.86
CA LYS B 113 -23.58 18.19 -0.24
C LYS B 113 -23.14 19.28 0.74
N ILE B 114 -22.09 18.99 1.49
CA ILE B 114 -21.55 19.91 2.46
C ILE B 114 -20.94 21.13 1.79
N LEU B 115 -20.15 20.89 0.74
CA LEU B 115 -19.44 21.95 0.04
C LEU B 115 -20.39 22.90 -0.69
N ILE B 116 -21.37 22.36 -1.42
CA ILE B 116 -22.23 23.18 -2.27
C ILE B 116 -23.06 24.19 -1.47
N GLY B 117 -23.52 23.77 -0.30
CA GLY B 117 -24.28 24.65 0.58
C GLY B 117 -23.45 25.83 1.02
N ALA B 118 -22.17 25.58 1.31
CA ALA B 118 -21.27 26.65 1.71
C ALA B 118 -20.96 27.55 0.53
N ILE B 119 -20.61 26.93 -0.60
CA ILE B 119 -20.28 27.66 -1.82
C ILE B 119 -21.39 28.62 -2.25
N LYS B 120 -22.63 28.17 -2.16
CA LYS B 120 -23.76 28.97 -2.59
C LYS B 120 -23.85 30.23 -1.73
N LYS B 121 -23.54 30.10 -0.44
CA LYS B 121 -23.52 31.24 0.49
C LYS B 121 -22.33 32.18 0.28
N ILE B 122 -21.14 31.61 0.11
CA ILE B 122 -19.93 32.43 -0.02
C ILE B 122 -19.78 33.03 -1.42
N ALA B 123 -20.02 32.21 -2.44
CA ALA B 123 -19.80 32.65 -3.82
C ALA B 123 -21.00 33.42 -4.36
N GLY B 124 -22.18 33.10 -3.86
CA GLY B 124 -23.37 33.76 -4.34
C GLY B 124 -24.08 32.98 -5.43
N LYS B 125 -24.97 33.65 -6.15
CA LYS B 125 -25.87 32.98 -7.07
C LYS B 125 -25.24 32.50 -8.38
N GLY B 126 -23.98 32.87 -8.59
CA GLY B 126 -23.22 32.33 -9.71
C GLY B 126 -23.48 33.01 -11.03
N PRO B 127 -22.95 32.42 -12.13
CA PRO B 127 -22.19 31.17 -12.12
C PRO B 127 -20.76 31.33 -11.63
N ILE B 128 -20.10 30.21 -11.36
CA ILE B 128 -18.74 30.20 -10.86
C ILE B 128 -17.91 29.21 -11.66
N TYR B 129 -16.60 29.31 -11.50
CA TYR B 129 -15.65 28.33 -12.02
C TYR B 129 -15.21 27.49 -10.83
N TYR B 130 -14.86 26.22 -11.08
CA TYR B 130 -14.57 25.28 -10.02
C TYR B 130 -13.27 24.54 -10.33
N VAL B 131 -12.31 24.61 -9.41
CA VAL B 131 -10.98 24.07 -9.65
C VAL B 131 -10.64 23.13 -8.49
N SER B 132 -10.28 21.89 -8.84
CA SER B 132 -10.09 20.88 -7.82
C SER B 132 -8.76 20.13 -7.99
N HIS B 133 -8.17 19.66 -6.89
CA HIS B 133 -6.90 18.94 -6.94
C HIS B 133 -6.88 17.76 -5.94
N SER B 134 -6.28 16.65 -6.35
CA SER B 134 -6.10 15.48 -5.48
C SER B 134 -7.44 15.03 -4.91
N LEU B 135 -7.55 14.91 -3.58
CA LEU B 135 -8.78 14.46 -2.93
C LEU B 135 -9.97 15.38 -3.19
N GLY B 136 -9.69 16.61 -3.62
CA GLY B 136 -10.75 17.48 -4.09
C GLY B 136 -11.54 16.80 -5.20
N ASN B 137 -10.82 16.03 -6.04
CA ASN B 137 -11.44 15.31 -7.15
C ASN B 137 -12.36 14.19 -6.64
N THR B 138 -12.03 13.67 -5.47
CA THR B 138 -12.87 12.68 -4.80
C THR B 138 -14.09 13.32 -4.14
N ALA B 139 -13.91 14.50 -3.57
CA ALA B 139 -14.98 15.17 -2.86
C ALA B 139 -16.06 15.80 -3.75
N SER B 140 -15.72 16.03 -5.03
CA SER B 140 -16.42 17.04 -5.82
C SER B 140 -17.23 16.62 -7.03
N TYR B 141 -17.04 15.40 -7.55
CA TYR B 141 -17.74 15.09 -8.81
C TYR B 141 -19.27 15.25 -8.77
N PRO B 142 -19.95 14.69 -7.74
CA PRO B 142 -21.40 14.90 -7.65
C PRO B 142 -21.75 16.38 -7.60
N LEU B 143 -21.01 17.16 -6.82
CA LEU B 143 -21.21 18.61 -6.77
C LEU B 143 -21.20 19.22 -8.18
N VAL B 144 -20.16 18.92 -8.94
CA VAL B 144 -20.01 19.49 -10.28
C VAL B 144 -21.08 18.98 -11.25
N ALA B 145 -21.25 17.66 -11.26
CA ALA B 145 -22.20 17.02 -12.17
C ALA B 145 -23.65 17.42 -11.92
N ASN B 146 -24.00 17.64 -10.65
CA ASN B 146 -25.37 17.99 -10.30
C ASN B 146 -25.64 19.48 -10.31
N ASN B 147 -24.60 20.27 -10.57
CA ASN B 147 -24.74 21.72 -10.56
C ASN B 147 -24.18 22.40 -11.80
N GLN B 148 -24.30 21.73 -12.95
CA GLN B 148 -23.82 22.32 -14.20
C GLN B 148 -24.74 23.47 -14.60
N GLY B 149 -24.16 24.63 -14.84
CA GLY B 149 -24.93 25.85 -15.01
C GLY B 149 -24.49 26.81 -13.93
N TYR B 150 -24.75 26.46 -12.68
CA TYR B 150 -24.15 27.18 -11.56
C TYR B 150 -22.62 27.05 -11.67
N ILE B 151 -22.14 25.83 -11.92
CA ILE B 151 -20.75 25.65 -12.34
C ILE B 151 -20.68 25.83 -13.85
N LYS B 152 -20.00 26.89 -14.27
CA LYS B 152 -19.90 27.20 -15.70
C LYS B 152 -18.79 26.38 -16.36
N LYS B 153 -17.70 26.17 -15.63
CA LYS B 153 -16.57 25.39 -16.12
C LYS B 153 -15.91 24.72 -14.92
N ALA B 154 -15.27 23.59 -15.14
CA ALA B 154 -14.64 22.86 -14.04
C ALA B 154 -13.29 22.29 -14.44
N VAL B 155 -12.36 22.29 -13.49
CA VAL B 155 -11.02 21.75 -13.70
C VAL B 155 -10.70 20.74 -12.60
N PHE B 156 -10.26 19.56 -13.00
CA PHE B 156 -9.76 18.56 -12.06
C PHE B 156 -8.25 18.40 -12.25
N MET B 157 -7.50 18.36 -11.15
CA MET B 157 -6.06 18.37 -11.25
C MET B 157 -5.37 17.12 -10.76
N ASP B 158 -4.53 16.57 -11.64
CA ASP B 158 -3.65 15.41 -11.41
C ASP B 158 -4.30 14.09 -11.00
N SER B 159 -4.97 14.05 -9.86
CA SER B 159 -5.47 12.77 -9.34
C SER B 159 -6.70 12.28 -10.10
N PRO B 160 -6.92 10.96 -10.13
CA PRO B 160 -8.12 10.45 -10.79
C PRO B 160 -9.37 10.80 -9.98
N ILE B 161 -10.49 10.97 -10.68
CA ILE B 161 -11.80 11.05 -10.05
C ILE B 161 -12.16 9.60 -9.74
N PRO B 162 -12.74 9.35 -8.56
CA PRO B 162 -13.14 7.96 -8.26
C PRO B 162 -14.06 7.35 -9.31
N ASP B 163 -13.63 6.22 -9.86
CA ASP B 163 -14.46 5.41 -10.75
C ASP B 163 -14.01 3.97 -10.65
N ARG B 164 -14.55 3.10 -11.51
CA ARG B 164 -14.28 1.68 -11.46
C ARG B 164 -12.79 1.35 -11.55
N ALA B 165 -12.02 2.21 -12.19
CA ALA B 165 -10.59 1.98 -12.36
C ALA B 165 -9.81 2.10 -11.03
N MET B 166 -10.45 2.67 -10.03
CA MET B 166 -9.84 2.78 -8.72
C MET B 166 -9.79 1.40 -8.06
N PHE B 167 -10.61 0.48 -8.57
CA PHE B 167 -10.56 -0.92 -8.16
C PHE B 167 -9.50 -1.69 -8.97
N GLU B 168 -8.74 -0.97 -9.80
CA GLU B 168 -7.79 -1.61 -10.71
C GLU B 168 -6.33 -1.09 -10.60
N TYR B 169 -6.15 0.14 -10.13
CA TYR B 169 -4.79 0.70 -10.02
C TYR B 169 -3.88 -0.23 -9.21
N PRO B 170 -2.73 -0.62 -9.79
CA PRO B 170 -1.86 -1.63 -9.19
C PRO B 170 -1.10 -1.12 -7.97
N GLY B 171 -0.90 -2.00 -6.99
CA GLY B 171 -0.13 -1.64 -5.82
C GLY B 171 1.35 -1.55 -6.13
N TYR B 172 1.79 -2.27 -7.17
CA TYR B 172 3.21 -2.36 -7.47
C TYR B 172 3.47 -2.37 -8.99
N THR B 173 4.59 -1.78 -9.39
CA THR B 173 4.90 -1.61 -10.80
C THR B 173 6.39 -1.84 -11.04
N ALA B 174 6.79 -1.84 -12.30
CA ALA B 174 8.19 -2.05 -12.66
C ALA B 174 9.03 -0.87 -12.18
N ASP B 175 8.37 0.23 -11.88
CA ASP B 175 9.01 1.43 -11.33
C ASP B 175 8.93 1.47 -9.79
N GLY B 176 8.42 0.41 -9.16
CA GLY B 176 8.22 0.43 -7.71
C GLY B 176 6.77 0.66 -7.33
N PRO B 177 6.51 1.16 -6.10
CA PRO B 177 5.14 1.34 -5.60
C PRO B 177 4.25 2.06 -6.63
N GLY B 178 3.06 1.53 -6.84
CA GLY B 178 2.16 2.06 -7.86
C GLY B 178 1.07 2.94 -7.31
N LEU B 179 0.34 3.57 -8.23
CA LEU B 179 -0.75 4.47 -7.90
C LEU B 179 -1.77 3.84 -6.94
N GLY B 180 -1.91 2.53 -7.01
CA GLY B 180 -2.91 1.85 -6.21
C GLY B 180 -2.58 1.67 -4.74
N TRP B 181 -1.30 1.70 -4.38
CA TRP B 181 -0.92 1.22 -3.05
C TRP B 181 -1.45 2.08 -1.92
N HIS B 182 -1.47 3.40 -2.10
CA HIS B 182 -1.93 4.26 -1.01
C HIS B 182 -3.45 4.16 -0.78
N PHE B 183 -4.23 3.89 -1.83
CA PHE B 183 -5.66 3.66 -1.68
C PHE B 183 -5.92 2.49 -0.71
N GLY B 184 -5.04 1.49 -0.74
CA GLY B 184 -5.16 0.36 0.17
C GLY B 184 -4.65 0.71 1.57
N TYR B 185 -3.42 1.20 1.65
CA TYR B 185 -2.83 1.50 2.95
C TYR B 185 -3.69 2.47 3.74
N PHE B 186 -4.21 3.50 3.07
CA PHE B 186 -4.99 4.54 3.74
C PHE B 186 -6.38 4.06 4.19
N SER B 187 -6.85 2.92 3.68
CA SER B 187 -8.16 2.39 4.07
C SER B 187 -8.05 1.08 4.87
N PHE B 188 -6.84 0.77 5.31
CA PHE B 188 -6.53 -0.46 6.03
C PHE B 188 -6.70 -0.23 7.52
N GLY B 189 -7.92 -0.42 8.02
CA GLY B 189 -8.24 -0.08 9.40
C GLY B 189 -7.79 1.33 9.81
N ASP B 190 -7.34 1.49 11.05
CA ASP B 190 -6.78 2.77 11.49
C ASP B 190 -5.25 2.73 11.57
N ILE B 191 -4.66 1.79 10.83
CA ILE B 191 -3.21 1.58 10.85
C ILE B 191 -2.42 2.79 10.33
N ALA B 192 -2.84 3.38 9.21
CA ALA B 192 -2.11 4.53 8.66
C ALA B 192 -2.19 5.70 9.63
N GLU B 193 -3.39 5.91 10.16
CA GLU B 193 -3.62 6.97 11.14
C GLU B 193 -2.67 6.83 12.33
N LYS B 194 -2.63 5.65 12.93
CA LYS B 194 -1.80 5.42 14.09
C LYS B 194 -0.30 5.49 13.77
N GLN B 195 0.09 4.91 12.65
CA GLN B 195 1.51 4.84 12.31
C GLN B 195 2.05 6.22 11.96
N ILE B 196 1.32 6.93 11.10
CA ILE B 196 1.73 8.27 10.68
C ILE B 196 1.67 9.30 11.82
N ALA B 197 0.66 9.20 12.69
CA ALA B 197 0.59 10.14 13.82
C ALA B 197 1.82 10.02 14.72
N ASN B 198 2.41 8.83 14.77
CA ASN B 198 3.64 8.66 15.54
C ASN B 198 4.79 9.52 15.01
N ASP B 199 4.86 9.70 13.70
CA ASP B 199 5.92 10.54 13.11
C ASP B 199 5.45 11.11 11.78
N PRO B 200 4.60 12.16 11.81
CA PRO B 200 4.04 12.69 10.57
C PRO B 200 5.10 13.22 9.63
N ASN B 201 6.10 13.90 10.20
CA ASN B 201 7.21 14.44 9.41
C ASN B 201 7.94 13.37 8.59
N LEU B 202 8.21 12.22 9.20
CA LEU B 202 8.88 11.12 8.51
C LEU B 202 8.07 10.66 7.29
N PHE B 203 6.80 10.36 7.51
CA PHE B 203 5.99 9.84 6.41
C PHE B 203 5.78 10.88 5.32
N PHE B 204 5.31 12.06 5.70
CA PHE B 204 4.98 13.08 4.73
C PHE B 204 6.19 13.70 3.99
N SER B 205 7.33 13.84 4.65
CA SER B 205 8.51 14.33 3.96
C SER B 205 8.88 13.37 2.83
N TYR B 206 8.85 12.08 3.12
CA TYR B 206 9.12 11.10 2.08
C TYR B 206 8.02 11.10 1.02
N PHE B 207 6.77 11.05 1.48
CA PHE B 207 5.61 11.00 0.59
C PHE B 207 5.56 12.23 -0.33
N ILE B 208 5.69 13.42 0.23
CA ILE B 208 5.64 14.66 -0.56
C ILE B 208 6.79 14.75 -1.57
N LYS B 209 8.02 14.48 -1.12
CA LYS B 209 9.16 14.52 -2.02
C LYS B 209 9.04 13.48 -3.14
N THR B 210 8.47 12.31 -2.83
CA THR B 210 8.31 11.22 -3.80
C THR B 210 7.49 11.66 -5.00
N TYR B 211 6.41 12.36 -4.75
CA TYR B 211 5.51 12.73 -5.83
C TYR B 211 5.81 14.10 -6.42
N ALA B 212 6.83 14.76 -5.88
CA ALA B 212 7.35 15.99 -6.46
C ALA B 212 8.26 15.72 -7.65
N GLY B 213 8.17 16.59 -8.67
CA GLY B 213 9.13 16.59 -9.74
C GLY B 213 10.33 17.45 -9.37
N LYS B 214 10.05 18.60 -8.75
CA LYS B 214 11.10 19.51 -8.29
C LYS B 214 11.26 19.38 -6.77
N LYS B 215 12.06 18.40 -6.34
CA LYS B 215 12.18 18.07 -4.92
C LYS B 215 12.87 19.15 -4.09
N GLU B 216 13.75 19.91 -4.73
CA GLU B 216 14.56 20.93 -4.06
C GLU B 216 13.71 22.05 -3.44
N ILE B 217 12.48 22.22 -3.92
CA ILE B 217 11.57 23.24 -3.42
C ILE B 217 11.19 22.94 -1.97
N PHE B 218 11.22 21.66 -1.61
CA PHE B 218 10.67 21.20 -0.34
C PHE B 218 11.72 21.16 0.76
N THR B 219 12.08 22.36 1.22
CA THR B 219 12.95 22.57 2.38
C THR B 219 12.27 22.05 3.64
N PRO B 220 13.07 21.80 4.70
CA PRO B 220 12.48 21.31 5.96
C PRO B 220 11.42 22.27 6.53
N GLU B 221 11.63 23.58 6.40
CA GLU B 221 10.66 24.55 6.89
C GLU B 221 9.36 24.55 6.09
N LEU B 222 9.46 24.45 4.78
CA LEU B 222 8.27 24.33 3.94
C LEU B 222 7.54 23.03 4.27
N LEU B 223 8.31 21.95 4.40
CA LEU B 223 7.73 20.67 4.76
C LEU B 223 6.98 20.73 6.10
N ALA B 224 7.56 21.40 7.10
CA ALA B 224 6.91 21.56 8.40
C ALA B 224 5.57 22.31 8.27
N GLU B 225 5.54 23.33 7.43
CA GLU B 225 4.33 24.10 7.16
C GLU B 225 3.26 23.25 6.48
N LEU B 226 3.70 22.35 5.61
CA LEU B 226 2.80 21.45 4.89
C LEU B 226 2.27 20.31 5.74
N ILE B 227 3.10 19.87 6.69
CA ILE B 227 2.80 18.67 7.46
C ILE B 227 2.08 18.96 8.78
N GLU B 228 2.37 20.11 9.37
CA GLU B 228 1.63 20.56 10.57
C GLU B 228 0.10 20.34 10.51
N PRO B 229 -0.55 20.66 9.37
CA PRO B 229 -2.02 20.46 9.32
C PRO B 229 -2.42 18.99 9.38
N TYR B 230 -1.47 18.10 9.14
CA TYR B 230 -1.73 16.66 9.15
C TYR B 230 -0.95 15.96 10.26
N SER B 231 -0.76 16.66 11.38
CA SER B 231 0.13 16.17 12.43
C SER B 231 -0.56 15.53 13.63
N THR B 232 -1.89 15.43 13.60
CA THR B 232 -2.62 14.83 14.70
C THR B 232 -3.53 13.69 14.24
N ARG B 233 -3.88 12.80 15.15
CA ARG B 233 -4.73 11.66 14.83
C ARG B 233 -6.08 12.12 14.26
N ASP B 234 -6.63 13.21 14.79
CA ASP B 234 -7.95 13.63 14.31
C ASP B 234 -7.90 14.05 12.84
N LYS B 235 -6.83 14.74 12.45
CA LYS B 235 -6.70 15.19 11.06
C LYS B 235 -6.36 14.02 10.13
N LEU B 236 -5.58 13.07 10.61
CA LEU B 236 -5.26 11.89 9.81
C LEU B 236 -6.47 10.99 9.67
N LYS B 237 -7.24 10.84 10.76
CA LYS B 237 -8.47 10.07 10.70
C LYS B 237 -9.41 10.64 9.61
N ALA B 238 -9.59 11.96 9.60
CA ALA B 238 -10.41 12.60 8.59
C ALA B 238 -9.86 12.36 7.17
N ALA B 239 -8.57 12.58 6.98
CA ALA B 239 -7.96 12.38 5.67
C ALA B 239 -8.20 10.97 5.15
N PHE B 240 -8.04 9.98 6.03
CA PHE B 240 -8.13 8.59 5.60
C PHE B 240 -9.59 8.11 5.50
N GLY B 241 -10.49 8.90 6.05
CA GLY B 241 -11.92 8.68 5.82
C GLY B 241 -12.29 8.79 4.34
N TYR B 242 -11.68 9.72 3.64
CA TYR B 242 -11.85 9.83 2.18
C TYR B 242 -11.50 8.52 1.50
N TYR B 243 -10.44 7.86 1.98
CA TYR B 243 -10.00 6.61 1.37
C TYR B 243 -10.88 5.44 1.74
N ARG B 244 -11.30 5.38 3.00
CA ARG B 244 -12.29 4.39 3.44
C ARG B 244 -13.58 4.51 2.63
N SER B 245 -13.92 5.73 2.26
CA SER B 245 -15.19 5.98 1.59
C SER B 245 -15.11 5.89 0.06
N HIS B 246 -13.95 5.51 -0.47
CA HIS B 246 -13.78 5.47 -1.92
C HIS B 246 -14.70 4.48 -2.63
N ALA B 247 -14.91 3.29 -2.06
CA ALA B 247 -15.81 2.33 -2.72
C ALA B 247 -17.22 2.91 -2.83
N ASP B 248 -17.61 3.70 -1.84
CA ASP B 248 -18.89 4.39 -1.86
C ASP B 248 -18.88 5.45 -2.95
N SER B 249 -17.83 6.27 -2.98
CA SER B 249 -17.68 7.35 -3.95
C SER B 249 -17.67 6.82 -5.39
N ILE B 250 -17.08 5.64 -5.56
CA ILE B 250 -17.03 5.01 -6.86
C ILE B 250 -18.43 4.62 -7.33
N ARG B 251 -19.17 3.92 -6.48
CA ARG B 251 -20.55 3.54 -6.78
CA ARG B 251 -20.54 3.54 -6.79
C ARG B 251 -21.37 4.77 -7.13
N GLN B 252 -21.20 5.83 -6.35
CA GLN B 252 -21.93 7.08 -6.56
C GLN B 252 -21.59 7.76 -7.89
N ASN B 253 -20.30 7.83 -8.23
CA ASN B 253 -19.89 8.44 -9.48
C ASN B 253 -20.27 7.59 -10.69
N GLU B 254 -20.17 6.27 -10.54
CA GLU B 254 -20.59 5.37 -11.61
C GLU B 254 -22.07 5.51 -11.91
N ALA B 255 -22.87 5.79 -10.87
CA ALA B 255 -24.30 5.96 -11.06
C ALA B 255 -24.58 7.25 -11.81
N LEU B 256 -23.87 8.32 -11.45
CA LEU B 256 -23.99 9.59 -12.15
C LEU B 256 -23.63 9.45 -13.63
N LEU B 257 -22.51 8.78 -13.91
CA LEU B 257 -22.07 8.57 -15.29
C LEU B 257 -23.08 7.78 -16.12
N ALA B 258 -23.68 6.76 -15.51
CA ALA B 258 -24.66 5.94 -16.19
C ALA B 258 -26.03 6.61 -16.33
N ASN B 259 -26.33 7.50 -15.38
CA ASN B 259 -27.68 8.08 -15.31
C ASN B 259 -27.69 9.50 -15.85
N GLY B 260 -27.07 9.69 -17.01
CA GLY B 260 -27.06 10.98 -17.69
C GLY B 260 -25.88 11.85 -17.32
N LYS B 261 -25.71 12.06 -16.00
CA LYS B 261 -24.83 13.06 -15.42
C LYS B 261 -23.33 13.06 -15.77
N LYS B 262 -22.99 12.88 -17.04
CA LYS B 262 -21.66 13.20 -17.50
C LYS B 262 -21.55 14.73 -17.60
N LEU B 263 -20.34 15.23 -17.86
CA LEU B 263 -20.14 16.67 -17.96
C LEU B 263 -20.53 17.22 -19.33
N THR B 264 -21.43 18.20 -19.33
CA THR B 264 -21.82 18.91 -20.57
C THR B 264 -21.28 20.33 -20.58
N ILE B 265 -20.63 20.73 -19.50
CA ILE B 265 -19.96 22.02 -19.44
C ILE B 265 -18.52 21.81 -19.86
N PRO B 266 -17.83 22.88 -20.29
CA PRO B 266 -16.41 22.71 -20.59
C PRO B 266 -15.67 22.20 -19.36
N SER B 267 -14.77 21.25 -19.56
CA SER B 267 -13.99 20.72 -18.46
C SER B 267 -12.52 20.56 -18.85
N MET B 268 -11.66 20.52 -17.86
CA MET B 268 -10.23 20.34 -18.11
C MET B 268 -9.63 19.31 -17.15
N ALA B 269 -8.79 18.43 -17.70
CA ALA B 269 -7.89 17.62 -16.90
C ALA B 269 -6.52 18.28 -16.99
N LEU B 270 -6.02 18.74 -15.85
CA LEU B 270 -4.75 19.43 -15.80
C LEU B 270 -3.83 18.66 -14.85
N THR B 271 -2.73 18.12 -15.38
CA THR B 271 -1.91 17.19 -14.60
C THR B 271 -0.41 17.49 -14.68
N GLY B 272 0.37 16.78 -13.88
CA GLY B 272 1.81 16.89 -13.91
C GLY B 272 2.42 15.65 -14.52
N GLN B 273 3.29 15.84 -15.51
CA GLN B 273 3.99 14.73 -16.16
C GLN B 273 4.68 13.82 -15.14
N LYS B 274 5.23 14.42 -14.08
CA LYS B 274 5.96 13.69 -13.05
CA LYS B 274 5.95 13.67 -13.06
C LYS B 274 5.09 13.36 -11.84
N GLY B 275 3.79 13.65 -11.95
CA GLY B 275 2.84 13.31 -10.90
C GLY B 275 2.05 12.10 -11.36
N VAL B 276 0.73 12.17 -11.26
CA VAL B 276 -0.14 11.09 -11.72
C VAL B 276 -0.16 10.99 -13.26
N ASN B 277 0.23 12.08 -13.92
CA ASN B 277 0.50 12.07 -15.37
C ASN B 277 -0.77 11.93 -16.24
N ASP B 278 -0.91 10.82 -16.94
CA ASP B 278 -1.96 10.72 -17.94
C ASP B 278 -3.24 9.99 -17.51
N VAL B 279 -3.30 9.55 -16.26
CA VAL B 279 -4.43 8.76 -15.80
C VAL B 279 -5.74 9.56 -15.82
N LEU B 280 -5.75 10.73 -15.20
CA LEU B 280 -6.93 11.58 -15.22
C LEU B 280 -7.29 12.05 -16.62
N VAL B 281 -6.27 12.35 -17.43
CA VAL B 281 -6.48 12.80 -18.81
C VAL B 281 -7.26 11.75 -19.62
N LYS B 282 -6.80 10.50 -19.57
CA LYS B 282 -7.47 9.40 -20.27
C LYS B 282 -8.85 9.11 -19.65
N GLU B 283 -8.93 9.22 -18.33
CA GLU B 283 -10.16 8.89 -17.63
C GLU B 283 -11.30 9.82 -18.03
N MET B 284 -11.07 11.13 -17.93
CA MET B 284 -12.12 12.09 -18.25
C MET B 284 -12.54 12.00 -19.71
N ARG B 285 -11.57 11.90 -20.62
CA ARG B 285 -11.88 11.79 -22.02
C ARG B 285 -12.77 10.57 -22.31
N ALA B 286 -12.42 9.44 -21.72
CA ALA B 286 -13.11 8.19 -22.05
C ALA B 286 -14.48 8.09 -21.40
N ARG B 287 -14.65 8.68 -20.22
CA ARG B 287 -15.81 8.35 -19.40
C ARG B 287 -16.64 9.50 -18.86
N PHE B 288 -16.05 10.70 -18.78
CA PHE B 288 -16.67 11.79 -18.03
C PHE B 288 -17.20 12.93 -18.88
N VAL B 289 -16.84 12.99 -20.15
CA VAL B 289 -17.24 14.12 -20.97
C VAL B 289 -18.26 13.71 -22.04
N ALA B 290 -19.35 14.47 -22.12
CA ALA B 290 -20.40 14.18 -23.09
C ALA B 290 -19.93 14.52 -24.50
N ASP B 291 -19.21 15.62 -24.62
CA ASP B 291 -18.73 16.10 -25.90
C ASP B 291 -17.27 16.51 -25.75
N PRO B 292 -16.37 15.79 -26.42
CA PRO B 292 -14.92 16.01 -26.35
C PRO B 292 -14.52 17.36 -26.92
N ALA B 293 -15.45 18.03 -27.60
CA ALA B 293 -15.17 19.37 -28.11
C ALA B 293 -15.08 20.37 -26.96
N GLN B 294 -15.66 20.02 -25.82
CA GLN B 294 -15.64 20.89 -24.65
C GLN B 294 -14.53 20.53 -23.66
N TYR B 295 -13.75 19.50 -23.98
CA TYR B 295 -12.78 18.96 -23.03
C TYR B 295 -11.34 19.35 -23.39
N THR B 296 -10.63 19.89 -22.41
CA THR B 296 -9.21 20.24 -22.56
C THR B 296 -8.35 19.36 -21.67
N ALA B 297 -7.27 18.83 -22.22
CA ALA B 297 -6.32 18.05 -21.44
C ALA B 297 -4.93 18.66 -21.54
N ILE B 298 -4.31 18.91 -20.39
CA ILE B 298 -2.98 19.52 -20.35
C ILE B 298 -2.11 18.81 -19.32
N ILE B 299 -0.97 18.30 -19.78
CA ILE B 299 -0.02 17.66 -18.88
C ILE B 299 1.21 18.56 -18.80
N LEU B 300 1.49 19.10 -17.62
CA LEU B 300 2.62 20.00 -17.47
C LEU B 300 3.92 19.20 -17.43
N PRO B 301 4.86 19.52 -18.33
CA PRO B 301 6.16 18.83 -18.33
C PRO B 301 6.98 19.18 -17.09
N ASP B 302 7.78 18.22 -16.63
CA ASP B 302 8.71 18.40 -15.52
C ASP B 302 8.04 18.85 -14.22
N THR B 303 6.76 18.53 -14.09
CA THR B 303 5.98 18.97 -12.95
C THR B 303 5.42 17.74 -12.26
N GLY B 304 5.62 17.66 -10.95
CA GLY B 304 5.04 16.57 -10.16
C GLY B 304 3.62 16.87 -9.69
N HIS B 305 3.19 16.14 -8.68
CA HIS B 305 1.83 16.20 -8.13
C HIS B 305 1.46 17.54 -7.48
N TRP B 306 2.43 18.17 -6.83
CA TRP B 306 2.18 19.42 -6.11
C TRP B 306 2.28 20.60 -7.07
N MET B 307 1.29 20.69 -7.95
CA MET B 307 1.40 21.46 -9.18
C MET B 307 1.61 22.96 -9.02
N VAL B 308 0.98 23.56 -8.02
CA VAL B 308 1.13 25.00 -7.79
C VAL B 308 2.47 25.32 -7.10
N GLU B 309 2.89 24.49 -6.14
CA GLU B 309 4.24 24.62 -5.58
C GLU B 309 5.32 24.54 -6.67
N GLU B 310 5.19 23.56 -7.56
CA GLU B 310 6.27 23.28 -8.52
C GLU B 310 6.19 24.09 -9.81
N ASN B 311 5.00 24.55 -10.17
CA ASN B 311 4.82 25.16 -11.47
C ASN B 311 3.61 26.07 -11.48
N ALA B 312 3.61 27.08 -10.60
CA ALA B 312 2.50 28.00 -10.50
C ALA B 312 2.24 28.69 -11.85
N GLU B 313 3.31 29.03 -12.56
CA GLU B 313 3.19 29.65 -13.87
C GLU B 313 2.39 28.78 -14.84
N GLY B 314 2.76 27.51 -14.91
CA GLY B 314 2.08 26.56 -15.79
C GLY B 314 0.62 26.34 -15.40
N VAL B 315 0.36 26.23 -14.11
CA VAL B 315 -1.01 26.11 -13.62
C VAL B 315 -1.83 27.35 -13.99
N GLU B 316 -1.30 28.52 -13.67
CA GLU B 316 -1.98 29.78 -13.94
C GLU B 316 -2.25 29.99 -15.44
N LYS B 317 -1.26 29.69 -16.27
CA LYS B 317 -1.44 29.84 -17.71
C LYS B 317 -2.52 28.89 -18.23
N SER B 318 -2.51 27.66 -17.73
CA SER B 318 -3.50 26.66 -18.12
C SER B 318 -4.92 27.03 -17.68
N LEU B 319 -5.04 27.47 -16.44
CA LEU B 319 -6.35 27.88 -15.91
C LEU B 319 -6.87 29.12 -16.64
N SER B 320 -5.98 30.10 -16.87
CA SER B 320 -6.40 31.34 -17.53
C SER B 320 -6.86 31.11 -18.97
N ASN B 321 -6.12 30.29 -19.71
CA ASN B 321 -6.47 29.99 -21.10
C ASN B 321 -7.78 29.22 -21.21
N PHE B 322 -8.00 28.31 -20.27
CA PHE B 322 -9.22 27.52 -20.22
C PHE B 322 -10.41 28.30 -19.65
N LEU B 323 -10.22 28.94 -18.51
CA LEU B 323 -11.33 29.60 -17.82
C LEU B 323 -11.72 30.93 -18.45
N PHE B 324 -10.73 31.78 -18.69
CA PHE B 324 -11.00 33.06 -19.32
C PHE B 324 -10.42 33.07 -20.73
P PO4 C . 3.39 -12.34 -0.63
O1 PO4 C . 3.52 -13.33 0.50
O2 PO4 C . 2.06 -12.52 -1.32
O3 PO4 C . 3.48 -10.94 -0.05
O4 PO4 C . 4.51 -12.57 -1.63
C1 GOL D . 14.93 -10.07 16.46
O1 GOL D . 15.88 -9.15 15.93
C2 GOL D . 15.61 -11.03 17.44
O2 GOL D . 16.13 -10.32 18.54
C3 GOL D . 16.71 -11.84 16.76
O3 GOL D . 17.20 -12.85 17.63
P PO4 E . -9.79 5.38 15.11
O1 PO4 E . -10.52 4.09 14.84
O2 PO4 E . -10.53 6.11 16.21
O3 PO4 E . -8.37 5.10 15.57
O4 PO4 E . -9.77 6.21 13.86
P PO4 F . -5.71 10.78 -4.61
O1 PO4 F . -5.14 9.84 -3.58
O2 PO4 F . -7.19 10.94 -4.40
O3 PO4 F . -4.99 12.09 -4.47
O4 PO4 F . -5.50 10.22 -6.00
#